data_8R7Y
#
_entry.id   8R7Y
#
_cell.length_a   166.672
_cell.length_b   166.672
_cell.length_c   331.697
_cell.angle_alpha   90.000
_cell.angle_beta   90.000
_cell.angle_gamma   120.000
#
_symmetry.space_group_name_H-M   'P 65 2 2'
#
loop_
_entity.id
_entity.type
_entity.pdbx_description
1 polymer 'Deoxyribonucleoside regulator'
2 polymer 'OL18 DNA operator, strand 1'
3 polymer 'OL18 DNA operator, strand 2'
4 water water
#
loop_
_entity_poly.entity_id
_entity_poly.type
_entity_poly.pdbx_seq_one_letter_code
_entity_poly.pdbx_strand_id
1 'polypeptide(L)'
;GIDPFTDREKQQLSIEAARLYYQSDYSQQQIAEQLNISRPTVSRLLQYAKEKGYVQIRVMDPFEDLDALGSILEEKYGLL
EAHVVFSPTPDYAGITHDLSRYGAEYMHETVKDGDIVGVSWGTTMYQIAQNMQPKQVKGVEVVQLKGGISHSRVNTYSAE
TIQLFAEAFQTMPRYLPLPVVFDNADVKRMVEKDRHIERIIEMGKQANIALFTVGTVRDEALLFRLGYFNEEEKALLKKQ
AVGDICSRFFDAKGNICSSAINDRTIGVELQDLRLKERSILVAGGSRKVSSIHGALTGKYANVLIIDQHTARALVNDL
;
A,B,C,D
2 'polydeoxyribonucleotide' (DA)(DT)(DT)(DG)(DA)(DA)(DA)(DT)(DT)(DT)(DT)(DG)(DT)(DT)(DC)(DA)(DA)(DT) E,H
3 'polydeoxyribonucleotide' (DA)(DT)(DT)(DG)(DA)(DA)(DC)(DA)(DA)(DA)(DA)(DT)(DT)(DT)(DC)(DA)(DA)(DT) F,G
#
# COMPACT_ATOMS: atom_id res chain seq x y z
N THR A 6 6.64 -11.08 11.84
CA THR A 6 6.41 -12.06 12.94
C THR A 6 6.10 -13.44 12.36
N ASP A 7 6.93 -13.87 11.40
CA ASP A 7 6.73 -15.12 10.70
C ASP A 7 7.91 -16.05 10.95
N ARG A 8 7.61 -17.32 11.24
CA ARG A 8 8.61 -18.34 11.50
C ARG A 8 9.50 -18.51 10.27
N GLU A 9 8.88 -18.53 9.09
CA GLU A 9 9.54 -18.81 7.83
C GLU A 9 10.53 -17.70 7.46
N LYS A 10 10.13 -16.43 7.65
CA LYS A 10 10.97 -15.28 7.30
C LYS A 10 12.17 -15.17 8.24
N GLN A 11 11.95 -15.50 9.52
CA GLN A 11 13.05 -15.52 10.47
C GLN A 11 14.08 -16.57 10.03
N GLN A 12 13.59 -17.75 9.62
CA GLN A 12 14.43 -18.84 9.16
C GLN A 12 15.10 -18.48 7.84
N LEU A 13 14.31 -18.00 6.87
CA LEU A 13 14.82 -17.64 5.56
C LEU A 13 15.84 -16.51 5.67
N SER A 14 15.53 -15.51 6.52
CA SER A 14 16.38 -14.36 6.72
C SER A 14 17.75 -14.74 7.28
N ILE A 15 17.78 -15.60 8.31
CA ILE A 15 18.99 -16.05 8.98
C ILE A 15 19.83 -16.91 8.03
N GLU A 16 19.16 -17.75 7.24
CA GLU A 16 19.86 -18.61 6.29
C GLU A 16 20.60 -17.75 5.27
N ALA A 17 19.93 -16.69 4.79
CA ALA A 17 20.50 -15.78 3.82
C ALA A 17 21.70 -15.04 4.42
N ALA A 18 21.58 -14.59 5.67
CA ALA A 18 22.66 -13.91 6.36
C ALA A 18 23.81 -14.89 6.57
N ARG A 19 23.48 -16.13 6.91
CA ARG A 19 24.48 -17.19 7.06
C ARG A 19 25.24 -17.34 5.75
N LEU A 20 24.50 -17.42 4.65
CA LEU A 20 25.02 -17.60 3.31
C LEU A 20 25.95 -16.45 2.89
N TYR A 21 25.50 -15.20 3.11
CA TYR A 21 26.22 -14.00 2.70
C TYR A 21 27.56 -13.89 3.42
N TYR A 22 27.57 -14.15 4.74
CA TYR A 22 28.75 -13.99 5.59
C TYR A 22 29.63 -15.24 5.54
N GLN A 23 29.06 -16.39 5.93
CA GLN A 23 29.82 -17.62 6.14
C GLN A 23 30.50 -18.12 4.87
N SER A 24 29.78 -18.13 3.73
CA SER A 24 30.29 -18.58 2.44
C SER A 24 30.68 -17.40 1.56
N ASP A 25 30.69 -16.21 2.14
CA ASP A 25 31.12 -14.98 1.49
C ASP A 25 30.41 -14.79 0.15
N TYR A 26 29.07 -14.80 0.17
CA TYR A 26 28.24 -14.66 -1.03
C TYR A 26 27.70 -13.25 -1.14
N SER A 27 27.63 -12.73 -2.38
CA SER A 27 27.10 -11.42 -2.68
C SER A 27 25.58 -11.42 -2.55
N GLN A 28 24.98 -10.24 -2.33
CA GLN A 28 23.54 -10.12 -2.23
C GLN A 28 22.91 -10.60 -3.53
N GLN A 29 23.54 -10.26 -4.66
CA GLN A 29 23.11 -10.71 -5.97
C GLN A 29 23.14 -12.23 -6.03
N GLN A 30 24.22 -12.83 -5.52
CA GLN A 30 24.39 -14.27 -5.48
C GLN A 30 23.29 -14.92 -4.65
N ILE A 31 23.13 -14.44 -3.41
CA ILE A 31 22.10 -14.95 -2.51
C ILE A 31 20.76 -14.89 -3.22
N ALA A 32 20.54 -13.81 -3.98
CA ALA A 32 19.29 -13.59 -4.69
C ALA A 32 19.11 -14.63 -5.79
N GLU A 33 20.21 -15.24 -6.24
CA GLU A 33 20.17 -16.25 -7.29
C GLU A 33 19.57 -17.55 -6.74
N GLN A 34 20.16 -18.04 -5.65
CA GLN A 34 19.75 -19.28 -4.99
C GLN A 34 18.34 -19.17 -4.43
N LEU A 35 17.98 -18.01 -3.87
CA LEU A 35 16.68 -17.79 -3.25
C LEU A 35 15.63 -17.38 -4.28
N ASN A 36 16.06 -17.10 -5.52
CA ASN A 36 15.17 -16.69 -6.59
C ASN A 36 14.33 -15.48 -6.18
N ILE A 37 15.01 -14.45 -5.64
CA ILE A 37 14.37 -13.22 -5.18
C ILE A 37 15.16 -12.02 -5.70
N SER A 38 14.65 -10.82 -5.41
CA SER A 38 15.29 -9.59 -5.85
C SER A 38 16.49 -9.29 -4.95
N ARG A 39 17.48 -8.56 -5.49
CA ARG A 39 18.70 -8.23 -4.78
C ARG A 39 18.37 -7.31 -3.61
N PRO A 40 17.51 -6.27 -3.80
CA PRO A 40 17.16 -5.36 -2.71
C PRO A 40 16.55 -6.07 -1.51
N THR A 41 15.69 -7.06 -1.77
CA THR A 41 15.04 -7.84 -0.73
C THR A 41 16.11 -8.47 0.15
N VAL A 42 17.11 -9.09 -0.50
CA VAL A 42 18.15 -9.82 0.21
C VAL A 42 18.86 -8.87 1.16
N SER A 43 19.14 -7.65 0.70
CA SER A 43 19.83 -6.64 1.50
C SER A 43 19.00 -6.30 2.73
N ARG A 44 17.69 -6.17 2.54
CA ARG A 44 16.78 -5.84 3.63
C ARG A 44 16.79 -6.96 4.66
N LEU A 45 16.82 -8.21 4.18
CA LEU A 45 16.81 -9.38 5.05
C LEU A 45 18.04 -9.37 5.94
N LEU A 46 19.19 -9.04 5.35
CA LEU A 46 20.45 -8.99 6.08
C LEU A 46 20.38 -7.94 7.17
N GLN A 47 19.79 -6.78 6.85
CA GLN A 47 19.64 -5.69 7.80
C GLN A 47 18.76 -6.14 8.96
N TYR A 48 17.70 -6.89 8.64
CA TYR A 48 16.76 -7.39 9.63
C TYR A 48 17.46 -8.34 10.60
N ALA A 49 18.33 -9.21 10.05
CA ALA A 49 19.06 -10.17 10.86
C ALA A 49 19.96 -9.44 11.86
N LYS A 50 20.64 -8.38 11.39
CA LYS A 50 21.52 -7.59 12.24
C LYS A 50 20.70 -6.91 13.33
N GLU A 51 19.49 -6.46 12.97
CA GLU A 51 18.63 -5.68 13.83
C GLU A 51 18.16 -6.51 15.03
N LYS A 52 17.79 -7.77 14.79
CA LYS A 52 17.26 -8.63 15.83
C LYS A 52 18.38 -9.40 16.51
N GLY A 53 19.62 -9.07 16.17
CA GLY A 53 20.79 -9.69 16.77
C GLY A 53 21.06 -11.10 16.26
N TYR A 54 20.52 -11.41 15.08
CA TYR A 54 20.69 -12.73 14.47
C TYR A 54 22.17 -12.95 14.12
N VAL A 55 22.82 -11.91 13.59
CA VAL A 55 24.25 -11.94 13.29
C VAL A 55 25.00 -11.06 14.29
N GLN A 56 26.02 -11.64 14.93
CA GLN A 56 26.75 -10.98 16.01
C GLN A 56 28.20 -10.77 15.59
N ILE A 57 28.68 -9.54 15.73
CA ILE A 57 30.03 -9.17 15.34
C ILE A 57 30.80 -8.71 16.58
N ARG A 58 31.93 -9.36 16.86
CA ARG A 58 32.77 -8.99 18.00
C ARG A 58 34.16 -8.61 17.52
N VAL A 59 34.79 -7.65 18.20
CA VAL A 59 36.13 -7.17 17.87
C VAL A 59 37.10 -7.54 19.00
N MET A 60 38.21 -8.20 18.64
CA MET A 60 39.18 -8.71 19.61
C MET A 60 40.52 -8.00 19.39
N ASP A 61 41.42 -8.07 20.38
CA ASP A 61 42.63 -7.23 20.36
C ASP A 61 43.63 -7.72 21.41
N PRO A 62 44.84 -7.13 21.49
CA PRO A 62 45.70 -7.32 22.66
C PRO A 62 45.02 -6.63 23.85
N PHE A 63 45.24 -7.17 25.05
CA PHE A 63 44.48 -6.73 26.22
C PHE A 63 44.73 -5.24 26.50
N GLU A 64 45.94 -4.77 26.15
CA GLU A 64 46.33 -3.39 26.40
C GLU A 64 45.28 -2.44 25.83
N ASP A 65 44.83 -2.74 24.62
CA ASP A 65 43.92 -1.84 23.92
C ASP A 65 42.66 -1.62 24.76
N LEU A 66 42.13 -2.72 25.32
CA LEU A 66 40.93 -2.65 26.16
C LEU A 66 40.88 -3.88 27.05
N ASP A 67 40.06 -3.82 28.12
CA ASP A 67 39.94 -4.89 29.10
C ASP A 67 40.98 -4.69 30.19
N ALA A 68 42.16 -5.29 30.01
CA ALA A 68 43.24 -5.15 30.98
C ALA A 68 43.63 -3.68 31.14
N LEU A 69 43.65 -2.94 30.01
CA LEU A 69 43.79 -1.50 30.12
C LEU A 69 43.03 -1.03 31.36
N GLY A 70 41.94 -1.76 31.66
CA GLY A 70 41.10 -1.51 32.82
C GLY A 70 41.67 -2.10 34.11
N SER A 71 42.20 -3.33 34.03
CA SER A 71 42.71 -4.06 35.18
C SER A 71 43.92 -3.35 35.81
N ILE A 72 44.80 -2.78 34.96
CA ILE A 72 46.06 -2.20 35.39
C ILE A 72 45.81 -1.09 36.41
N LEU A 73 44.76 -0.29 36.18
CA LEU A 73 44.44 0.79 37.10
C LEU A 73 43.43 0.25 38.11
N GLU A 74 42.71 -0.81 37.70
CA GLU A 74 41.82 -1.49 38.64
C GLU A 74 42.62 -1.76 39.91
N GLU A 75 43.90 -2.08 39.68
CA GLU A 75 44.86 -2.44 40.71
C GLU A 75 45.74 -1.26 41.14
N LYS A 76 45.95 -0.28 40.26
CA LYS A 76 46.86 0.83 40.54
C LYS A 76 46.25 1.78 41.56
N TYR A 77 44.95 2.09 41.42
CA TYR A 77 44.28 3.02 42.31
C TYR A 77 43.59 2.28 43.46
N GLY A 78 43.55 0.95 43.38
CA GLY A 78 42.93 0.12 44.40
C GLY A 78 41.43 0.02 44.24
N LEU A 79 40.92 0.46 43.09
CA LEU A 79 39.49 0.47 42.80
C LEU A 79 38.99 -0.96 42.63
N LEU A 80 37.72 -1.19 42.98
CA LEU A 80 37.13 -2.52 42.93
C LEU A 80 36.86 -2.90 41.47
N GLU A 81 36.19 -2.01 40.74
CA GLU A 81 35.87 -2.23 39.34
C GLU A 81 36.32 -1.04 38.50
N ALA A 82 36.84 -1.34 37.29
CA ALA A 82 37.18 -0.30 36.34
C ALA A 82 36.66 -0.67 34.95
N HIS A 83 35.73 0.15 34.44
CA HIS A 83 35.14 -0.08 33.13
C HIS A 83 35.62 1.00 32.15
N VAL A 84 36.37 0.57 31.13
CA VAL A 84 36.81 1.44 30.06
C VAL A 84 35.83 1.29 28.89
N VAL A 85 35.16 2.39 28.53
CA VAL A 85 34.16 2.36 27.48
C VAL A 85 34.76 2.99 26.23
N PHE A 86 34.59 2.33 25.08
CA PHE A 86 35.10 2.85 23.82
C PHE A 86 34.26 4.07 23.41
N SER A 87 34.98 5.15 23.05
CA SER A 87 34.37 6.30 22.42
C SER A 87 35.12 6.64 21.13
N PRO A 88 34.41 6.90 20.01
CA PRO A 88 35.05 7.03 18.71
C PRO A 88 35.82 8.33 18.58
N THR A 89 35.60 9.24 19.53
CA THR A 89 36.21 10.56 19.43
C THR A 89 36.70 11.00 20.81
N PRO A 90 37.76 11.88 20.85
CA PRO A 90 38.38 12.47 22.06
C PRO A 90 37.87 13.73 22.76
N ASP A 91 36.91 14.42 22.11
CA ASP A 91 36.21 15.55 22.71
C ASP A 91 35.26 15.06 23.80
N TYR A 92 34.80 16.00 24.63
CA TYR A 92 34.01 15.72 25.83
C TYR A 92 32.65 15.14 25.46
N ALA A 93 31.88 15.89 24.66
CA ALA A 93 30.53 15.52 24.25
C ALA A 93 30.51 14.09 23.73
N GLY A 94 31.40 13.80 22.78
CA GLY A 94 31.52 12.49 22.17
C GLY A 94 31.74 11.40 23.21
N ILE A 95 32.56 11.69 24.22
CA ILE A 95 32.87 10.75 25.29
C ILE A 95 31.68 10.64 26.23
N THR A 96 31.22 11.79 26.75
CA THR A 96 30.11 11.89 27.69
C THR A 96 28.91 11.08 27.21
N HIS A 97 28.57 11.22 25.92
CA HIS A 97 27.41 10.53 25.35
C HIS A 97 27.55 9.04 25.57
N ASP A 98 28.74 8.50 25.27
CA ASP A 98 28.95 7.06 25.24
C ASP A 98 29.06 6.52 26.66
N LEU A 99 29.76 7.28 27.52
CA LEU A 99 29.87 6.93 28.93
C LEU A 99 28.47 6.88 29.53
N SER A 100 27.67 7.88 29.18
CA SER A 100 26.34 8.06 29.75
C SER A 100 25.52 6.79 29.57
N ARG A 101 25.54 6.26 28.33
CA ARG A 101 24.74 5.12 27.96
C ARG A 101 25.24 3.87 28.70
N TYR A 102 26.57 3.77 28.90
CA TYR A 102 27.05 2.66 29.69
C TYR A 102 26.62 2.82 31.15
N GLY A 103 26.66 4.06 31.66
CA GLY A 103 26.21 4.35 33.00
C GLY A 103 24.82 3.76 33.28
N ALA A 104 23.89 4.05 32.36
CA ALA A 104 22.53 3.54 32.39
C ALA A 104 22.52 2.02 32.52
N GLU A 105 23.26 1.35 31.63
CA GLU A 105 23.23 -0.09 31.60
C GLU A 105 23.74 -0.65 32.92
N TYR A 106 24.85 -0.09 33.42
CA TYR A 106 25.48 -0.59 34.63
C TYR A 106 24.50 -0.46 35.80
N MET A 107 23.86 0.71 35.91
CA MET A 107 22.93 0.91 37.00
C MET A 107 21.82 -0.13 36.92
N HIS A 108 21.34 -0.40 35.69
CA HIS A 108 20.26 -1.36 35.48
C HIS A 108 20.68 -2.74 35.98
N GLU A 109 21.92 -3.14 35.69
CA GLU A 109 22.43 -4.45 36.09
C GLU A 109 22.67 -4.50 37.60
N THR A 110 23.03 -3.34 38.19
CA THR A 110 23.63 -3.27 39.52
C THR A 110 22.57 -3.17 40.62
N VAL A 111 21.59 -2.28 40.40
CA VAL A 111 20.58 -1.92 41.41
C VAL A 111 19.68 -3.12 41.68
N LYS A 112 19.58 -3.53 42.94
CA LYS A 112 18.82 -4.70 43.34
C LYS A 112 17.80 -4.33 44.42
N ASP A 113 16.83 -5.23 44.65
CA ASP A 113 15.75 -4.98 45.58
C ASP A 113 16.34 -4.50 46.91
N GLY A 114 15.89 -3.33 47.37
CA GLY A 114 16.19 -2.84 48.70
C GLY A 114 17.51 -2.05 48.78
N ASP A 115 17.97 -1.54 47.63
CA ASP A 115 19.16 -0.71 47.61
C ASP A 115 18.81 0.71 48.05
N ILE A 116 19.78 1.37 48.70
CA ILE A 116 19.78 2.81 48.96
C ILE A 116 20.70 3.52 47.97
N VAL A 117 20.11 4.24 47.02
CA VAL A 117 20.84 4.82 45.90
C VAL A 117 20.92 6.33 46.03
N GLY A 118 22.15 6.81 46.22
CA GLY A 118 22.43 8.24 46.17
C GLY A 118 22.82 8.65 44.75
N VAL A 119 22.25 9.77 44.29
CA VAL A 119 22.61 10.36 43.01
C VAL A 119 22.93 11.84 43.19
N SER A 120 23.47 12.44 42.13
CA SER A 120 23.78 13.85 42.07
C SER A 120 23.17 14.43 40.80
N TRP A 121 23.40 15.72 40.56
CA TRP A 121 23.01 16.26 39.26
C TRP A 121 24.24 16.78 38.54
N GLY A 122 24.04 17.11 37.27
CA GLY A 122 25.12 17.37 36.34
C GLY A 122 24.67 17.01 34.93
N THR A 123 25.23 17.70 33.94
CA THR A 123 24.86 17.47 32.56
C THR A 123 25.13 16.01 32.22
N THR A 124 26.25 15.50 32.77
CA THR A 124 26.62 14.10 32.78
C THR A 124 25.50 13.24 33.35
N MET A 125 25.16 13.52 34.61
CA MET A 125 24.28 12.69 35.42
C MET A 125 22.94 12.52 34.73
N TYR A 126 22.49 13.59 34.09
CA TYR A 126 21.15 13.70 33.53
C TYR A 126 20.97 12.76 32.34
N GLN A 127 22.03 12.64 31.51
CA GLN A 127 22.04 11.76 30.35
C GLN A 127 22.01 10.30 30.79
N ILE A 128 22.74 9.99 31.87
CA ILE A 128 22.73 8.63 32.42
C ILE A 128 21.30 8.35 32.86
N ALA A 129 20.68 9.36 33.48
CA ALA A 129 19.32 9.30 33.97
C ALA A 129 18.34 9.04 32.83
N GLN A 130 18.51 9.74 31.72
CA GLN A 130 17.57 9.62 30.62
C GLN A 130 17.68 8.24 29.98
N ASN A 131 18.91 7.70 29.96
CA ASN A 131 19.20 6.47 29.25
C ASN A 131 18.99 5.28 30.19
N MET A 132 18.50 5.59 31.39
CA MET A 132 18.16 4.56 32.35
C MET A 132 17.06 3.66 31.82
N GLN A 133 17.18 2.37 32.12
CA GLN A 133 16.18 1.40 31.72
C GLN A 133 15.26 1.12 32.90
N PRO A 134 13.92 1.25 32.73
CA PRO A 134 12.97 0.80 33.76
C PRO A 134 13.14 -0.65 34.19
N LYS A 135 12.91 -0.92 35.48
CA LYS A 135 13.26 -2.21 36.07
C LYS A 135 12.25 -2.62 37.16
N GLN A 136 11.92 -3.93 37.16
CA GLN A 136 11.02 -4.55 38.12
C GLN A 136 11.74 -4.76 39.45
N VAL A 137 11.89 -3.67 40.22
CA VAL A 137 12.61 -3.71 41.46
C VAL A 137 11.75 -3.04 42.53
N LYS A 138 11.96 -3.45 43.79
CA LYS A 138 11.11 -3.02 44.89
C LYS A 138 11.95 -2.70 46.11
N GLY A 139 11.42 -1.81 46.95
CA GLY A 139 12.05 -1.45 48.22
C GLY A 139 13.24 -0.52 48.00
N VAL A 140 13.39 -0.03 46.77
CA VAL A 140 14.53 0.79 46.44
C VAL A 140 14.20 2.25 46.77
N GLU A 141 15.20 2.97 47.30
CA GLU A 141 15.08 4.39 47.58
C GLU A 141 16.18 5.14 46.85
N VAL A 142 15.88 6.38 46.42
CA VAL A 142 16.77 7.19 45.61
C VAL A 142 16.82 8.59 46.21
N VAL A 143 18.04 9.07 46.50
CA VAL A 143 18.23 10.27 47.29
C VAL A 143 19.20 11.22 46.60
N GLN A 144 18.96 12.53 46.80
CA GLN A 144 19.80 13.62 46.33
C GLN A 144 21.04 13.73 47.23
N LEU A 145 22.22 13.83 46.61
CA LEU A 145 23.47 13.88 47.35
C LEU A 145 24.11 15.28 47.28
N LYS A 146 23.60 16.13 46.38
CA LYS A 146 24.27 17.37 45.99
C LYS A 146 23.34 18.55 46.26
N GLY A 147 23.93 19.67 46.72
CA GLY A 147 23.18 20.90 46.94
C GLY A 147 22.66 21.50 45.64
N GLY A 148 21.71 22.44 45.74
CA GLY A 148 21.07 23.06 44.58
C GLY A 148 21.42 24.53 44.43
N ILE A 149 20.74 25.18 43.47
CA ILE A 149 21.04 26.53 43.00
C ILE A 149 19.80 27.39 43.17
N SER A 150 19.99 28.72 43.11
CA SER A 150 18.89 29.62 42.85
C SER A 150 18.65 29.72 41.35
N HIS A 151 19.76 29.83 40.61
CA HIS A 151 19.71 30.28 39.24
C HIS A 151 20.92 29.73 38.48
N SER A 152 20.76 29.55 37.16
CA SER A 152 21.85 29.10 36.29
C SER A 152 21.51 29.39 34.83
N ARG A 153 22.56 29.62 34.02
CA ARG A 153 22.37 29.93 32.61
C ARG A 153 21.94 28.71 31.82
N VAL A 154 22.47 27.53 32.15
CA VAL A 154 21.86 26.30 31.65
C VAL A 154 20.97 25.69 32.72
N ASN A 155 19.94 25.01 32.22
CA ASN A 155 19.06 24.18 33.01
C ASN A 155 19.88 23.09 33.68
N THR A 156 19.69 22.92 35.00
CA THR A 156 20.45 21.97 35.80
C THR A 156 19.97 20.55 35.54
N TYR A 157 18.69 20.44 35.17
CA TYR A 157 17.98 19.18 34.98
C TYR A 157 18.01 18.34 36.25
N SER A 158 18.29 19.02 37.39
CA SER A 158 18.47 18.39 38.68
C SER A 158 17.23 17.58 39.03
N ALA A 159 16.08 18.25 38.90
CA ALA A 159 14.80 17.70 39.28
C ALA A 159 14.56 16.40 38.51
N GLU A 160 14.57 16.53 37.17
CA GLU A 160 14.17 15.47 36.27
C GLU A 160 15.13 14.30 36.43
N THR A 161 16.41 14.63 36.71
CA THR A 161 17.45 13.63 36.85
C THR A 161 17.02 12.62 37.90
N ILE A 162 16.82 13.11 39.12
CA ILE A 162 16.54 12.23 40.24
C ILE A 162 15.17 11.61 40.07
N GLN A 163 14.24 12.35 39.43
CA GLN A 163 12.88 11.88 39.20
C GLN A 163 12.91 10.64 38.28
N LEU A 164 13.69 10.74 37.20
CA LEU A 164 13.70 9.66 36.22
C LEU A 164 14.25 8.40 36.88
N PHE A 165 15.28 8.58 37.73
CA PHE A 165 15.91 7.50 38.45
C PHE A 165 14.87 6.80 39.33
N ALA A 166 14.12 7.62 40.09
CA ALA A 166 13.07 7.16 40.97
C ALA A 166 12.04 6.33 40.21
N GLU A 167 11.45 6.93 39.16
CA GLU A 167 10.38 6.31 38.40
C GLU A 167 10.82 4.93 37.93
N ALA A 168 12.05 4.87 37.43
CA ALA A 168 12.60 3.68 36.80
C ALA A 168 12.77 2.56 37.83
N PHE A 169 12.83 2.92 39.11
CA PHE A 169 13.12 1.95 40.15
C PHE A 169 11.92 1.72 41.06
N GLN A 170 10.73 2.03 40.56
CA GLN A 170 9.50 1.88 41.32
C GLN A 170 9.76 2.36 42.75
N THR A 171 10.26 3.59 42.83
CA THR A 171 10.26 4.40 44.03
C THR A 171 9.96 5.84 43.63
N MET A 172 10.06 6.76 44.60
CA MET A 172 9.87 8.18 44.34
C MET A 172 11.05 8.95 44.94
N PRO A 173 11.27 10.22 44.52
CA PRO A 173 12.51 10.93 44.81
C PRO A 173 12.58 11.51 46.23
N ARG A 174 13.76 11.41 46.85
CA ARG A 174 14.03 12.13 48.08
C ARG A 174 14.92 13.33 47.75
N TYR A 175 14.32 14.51 47.67
CA TYR A 175 15.07 15.73 47.35
C TYR A 175 15.81 16.21 48.59
N LEU A 176 16.89 16.97 48.34
CA LEU A 176 17.51 17.78 49.38
C LEU A 176 17.18 19.23 49.10
N PRO A 177 16.22 19.82 49.85
CA PRO A 177 15.75 21.18 49.57
C PRO A 177 16.60 22.26 50.23
N LEU A 178 17.90 22.28 49.89
CA LEU A 178 18.84 23.22 50.49
C LEU A 178 19.73 23.83 49.40
N PRO A 179 20.28 25.05 49.60
CA PRO A 179 21.29 25.60 48.68
C PRO A 179 22.60 24.89 48.93
N VAL A 180 23.48 24.94 47.93
CA VAL A 180 24.72 24.17 47.97
C VAL A 180 25.65 24.77 49.02
N VAL A 181 25.54 26.09 49.23
CA VAL A 181 26.44 26.82 50.12
C VAL A 181 25.64 27.83 50.94
N PHE A 182 26.02 27.93 52.23
CA PHE A 182 25.57 28.97 53.13
C PHE A 182 26.70 29.97 53.36
N ASP A 183 26.35 31.24 53.58
CA ASP A 183 27.35 32.25 53.84
C ASP A 183 28.11 31.91 55.12
N ASN A 184 27.42 31.35 56.10
CA ASN A 184 28.05 31.11 57.40
C ASN A 184 27.94 29.64 57.79
N ALA A 185 29.03 29.13 58.38
CA ALA A 185 29.21 27.73 58.71
C ALA A 185 28.26 27.30 59.82
N ASP A 186 28.03 28.21 60.78
CA ASP A 186 27.14 27.94 61.90
C ASP A 186 25.72 27.69 61.38
N VAL A 187 25.29 28.56 60.44
CA VAL A 187 24.00 28.44 59.80
C VAL A 187 23.86 27.02 59.27
N LYS A 188 24.88 26.60 58.49
CA LYS A 188 24.91 25.33 57.79
C LYS A 188 24.72 24.19 58.78
N ARG A 189 25.40 24.28 59.93
CA ARG A 189 25.43 23.18 60.89
C ARG A 189 24.03 22.92 61.45
N MET A 190 23.30 23.98 61.79
CA MET A 190 22.06 23.78 62.53
C MET A 190 20.90 23.53 61.57
N VAL A 191 21.12 23.82 60.29
CA VAL A 191 20.21 23.45 59.22
C VAL A 191 20.22 21.93 59.08
N GLU A 192 21.43 21.35 59.09
CA GLU A 192 21.64 19.93 58.89
C GLU A 192 21.03 19.17 60.06
N LYS A 193 20.81 19.87 61.18
CA LYS A 193 20.31 19.25 62.38
C LYS A 193 18.78 19.26 62.40
N ASP A 194 18.17 20.09 61.54
CA ASP A 194 16.71 20.13 61.43
C ASP A 194 16.18 18.73 61.15
N ARG A 195 15.10 18.36 61.84
CA ARG A 195 14.70 16.96 61.94
C ARG A 195 14.35 16.41 60.57
N HIS A 196 13.83 17.27 59.68
CA HIS A 196 13.39 16.87 58.37
C HIS A 196 14.60 16.65 57.46
N ILE A 197 15.46 17.67 57.42
CA ILE A 197 16.66 17.72 56.61
C ILE A 197 17.57 16.52 56.91
N GLU A 198 17.78 16.23 58.20
CA GLU A 198 18.76 15.26 58.65
C GLU A 198 18.38 13.85 58.19
N ARG A 199 17.08 13.54 58.17
CA ARG A 199 16.62 12.26 57.67
C ARG A 199 17.19 12.05 56.27
N ILE A 200 17.18 13.13 55.49
CA ILE A 200 17.63 13.11 54.11
C ILE A 200 19.15 12.94 54.07
N ILE A 201 19.89 13.69 54.90
CA ILE A 201 21.34 13.60 54.86
C ILE A 201 21.78 12.22 55.32
N GLU A 202 21.12 11.72 56.37
CA GLU A 202 21.38 10.42 56.97
C GLU A 202 21.13 9.31 55.95
N MET A 203 20.02 9.41 55.20
CA MET A 203 19.72 8.46 54.14
C MET A 203 20.83 8.52 53.09
N GLY A 204 21.34 9.73 52.86
CA GLY A 204 22.51 9.96 52.02
C GLY A 204 23.71 9.13 52.47
N LYS A 205 23.93 9.06 53.79
CA LYS A 205 25.05 8.33 54.35
C LYS A 205 24.76 6.84 54.38
N GLN A 206 23.46 6.49 54.40
CA GLN A 206 23.03 5.10 54.49
C GLN A 206 23.16 4.43 53.12
N ALA A 207 23.07 5.24 52.06
CA ALA A 207 23.14 4.77 50.69
C ALA A 207 24.30 3.80 50.53
N ASN A 208 24.02 2.64 49.92
CA ASN A 208 25.03 1.65 49.63
C ASN A 208 25.50 1.79 48.18
N ILE A 209 24.73 2.51 47.35
CA ILE A 209 25.14 2.88 46.01
C ILE A 209 25.20 4.40 45.89
N ALA A 210 26.25 4.88 45.21
CA ALA A 210 26.40 6.30 44.92
C ALA A 210 26.88 6.48 43.48
N LEU A 211 26.26 7.45 42.78
CA LEU A 211 26.60 7.75 41.40
C LEU A 211 26.84 9.25 41.25
N PHE A 212 28.01 9.62 40.72
CA PHE A 212 28.39 11.01 40.64
C PHE A 212 29.43 11.21 39.53
N THR A 213 29.54 12.46 39.07
CA THR A 213 30.67 12.87 38.24
C THR A 213 31.60 13.72 39.11
N VAL A 214 32.75 14.11 38.54
CA VAL A 214 33.63 15.08 39.18
C VAL A 214 33.60 16.36 38.35
N GLY A 215 32.99 17.41 38.90
CA GLY A 215 33.06 18.71 38.24
C GLY A 215 34.48 19.26 38.33
N THR A 216 34.97 19.84 37.24
CA THR A 216 36.31 20.42 37.21
C THR A 216 36.29 21.86 37.73
N VAL A 217 37.48 22.46 37.88
CA VAL A 217 37.62 23.85 38.30
C VAL A 217 36.86 24.77 37.33
N ARG A 218 37.07 24.57 36.02
CA ARG A 218 36.41 25.31 34.96
C ARG A 218 34.88 25.21 35.03
N ASP A 219 34.36 24.00 35.28
CA ASP A 219 32.93 23.70 35.27
C ASP A 219 32.14 24.50 36.32
N GLU A 220 32.70 24.63 37.54
CA GLU A 220 32.03 25.29 38.65
C GLU A 220 32.48 26.75 38.77
N ALA A 221 32.83 27.34 37.62
CA ALA A 221 33.17 28.75 37.54
C ALA A 221 31.96 29.60 37.90
N LEU A 222 30.76 29.09 37.59
CA LEU A 222 29.53 29.75 37.98
C LEU A 222 29.29 29.58 39.48
N LEU A 223 29.75 28.46 40.05
CA LEU A 223 29.77 28.36 41.50
C LEU A 223 30.64 29.50 42.03
N PHE A 224 31.78 29.71 41.36
CA PHE A 224 32.64 30.86 41.59
C PHE A 224 31.86 32.16 41.33
N ARG A 225 30.96 32.14 40.32
CA ARG A 225 30.37 33.35 39.74
C ARG A 225 29.05 33.75 40.41
N LEU A 226 28.54 32.92 41.34
CA LEU A 226 27.28 33.17 42.03
C LEU A 226 27.50 33.87 43.37
N GLY A 227 28.72 34.37 43.61
CA GLY A 227 29.00 35.21 44.76
C GLY A 227 29.54 34.41 45.95
N TYR A 228 29.62 33.08 45.81
CA TYR A 228 30.25 32.23 46.80
C TYR A 228 31.76 32.42 46.72
N PHE A 229 32.46 32.07 47.82
CA PHE A 229 33.91 32.10 47.90
C PHE A 229 34.46 33.53 47.86
N ASN A 230 33.61 34.51 47.56
CA ASN A 230 33.98 35.92 47.64
C ASN A 230 35.41 36.14 47.12
N GLU A 231 35.85 35.32 46.16
CA GLU A 231 37.04 35.56 45.34
C GLU A 231 38.35 35.40 46.12
N GLU A 232 38.48 36.04 47.29
CA GLU A 232 39.72 35.89 48.04
C GLU A 232 39.93 34.40 48.26
N GLU A 233 38.83 33.66 48.15
CA GLU A 233 38.83 32.21 48.24
C GLU A 233 38.77 31.58 46.85
N LYS A 234 38.20 32.33 45.88
CA LYS A 234 38.14 31.86 44.49
C LYS A 234 39.54 31.53 43.99
N ALA A 235 40.49 32.42 44.27
CA ALA A 235 41.89 32.22 43.94
C ALA A 235 42.45 30.97 44.63
N LEU A 236 42.30 30.90 45.96
CA LEU A 236 42.74 29.76 46.77
C LEU A 236 42.31 28.46 46.11
N LEU A 237 41.06 28.42 45.64
CA LEU A 237 40.45 27.19 45.14
C LEU A 237 40.98 26.83 43.74
N LYS A 238 41.07 27.82 42.84
CA LYS A 238 41.47 27.59 41.46
C LYS A 238 42.82 26.88 41.43
N LYS A 239 43.84 27.50 42.05
CA LYS A 239 45.20 26.98 42.00
C LYS A 239 45.28 25.60 42.65
N GLN A 240 44.65 25.43 43.81
CA GLN A 240 44.81 24.22 44.62
C GLN A 240 43.93 23.08 44.09
N ALA A 241 42.61 23.26 44.12
CA ALA A 241 41.66 22.20 43.80
C ALA A 241 41.87 21.71 42.36
N VAL A 242 41.65 20.41 42.14
CA VAL A 242 41.70 19.85 40.79
C VAL A 242 40.30 19.52 40.30
N GLY A 243 39.39 19.23 41.24
CA GLY A 243 38.03 18.87 40.88
C GLY A 243 37.06 19.05 42.05
N ASP A 244 35.79 18.70 41.82
CA ASP A 244 34.75 18.88 42.83
C ASP A 244 33.66 17.82 42.64
N ILE A 245 33.54 16.92 43.62
CA ILE A 245 32.42 15.98 43.65
C ILE A 245 31.38 16.53 44.62
N CYS A 246 30.13 16.67 44.12
CA CYS A 246 29.01 17.14 44.92
C CYS A 246 29.27 18.56 45.42
N SER A 247 29.82 19.38 44.52
CA SER A 247 30.15 20.77 44.78
C SER A 247 30.99 20.91 46.04
N ARG A 248 31.69 19.83 46.41
CA ARG A 248 32.75 19.86 47.41
C ARG A 248 34.07 19.75 46.69
N PHE A 249 35.10 20.45 47.16
CA PHE A 249 36.34 20.56 46.41
C PHE A 249 37.42 19.66 47.00
N PHE A 250 38.51 19.50 46.25
CA PHE A 250 39.68 18.74 46.70
C PHE A 250 40.90 19.12 45.89
N ASP A 251 42.08 18.59 46.28
CA ASP A 251 43.35 18.85 45.62
C ASP A 251 43.82 17.57 44.93
N ALA A 252 45.06 17.61 44.40
CA ALA A 252 45.56 16.54 43.55
C ALA A 252 45.69 15.22 44.31
N LYS A 253 45.82 15.32 45.65
CA LYS A 253 46.00 14.15 46.50
C LYS A 253 44.66 13.77 47.15
N GLY A 254 43.56 14.14 46.50
CA GLY A 254 42.21 13.89 46.99
C GLY A 254 42.04 14.30 48.45
N ASN A 255 42.19 15.60 48.75
CA ASN A 255 41.96 16.07 50.10
C ASN A 255 41.19 17.39 50.05
N ILE A 256 40.18 17.53 50.93
CA ILE A 256 39.41 18.76 51.03
C ILE A 256 40.35 19.94 50.97
N CYS A 257 40.15 20.85 50.01
CA CYS A 257 41.10 21.93 49.79
C CYS A 257 41.01 22.94 50.93
N SER A 258 39.78 23.41 51.20
CA SER A 258 39.54 24.34 52.30
C SER A 258 38.41 23.82 53.17
N SER A 259 38.74 23.31 54.37
CA SER A 259 37.70 22.83 55.27
C SER A 259 36.85 23.99 55.78
N ALA A 260 37.43 25.20 55.77
CA ALA A 260 36.73 26.43 56.09
C ALA A 260 35.50 26.57 55.19
N ILE A 261 35.72 26.41 53.88
CA ILE A 261 34.68 26.52 52.87
C ILE A 261 33.80 25.27 52.86
N ASN A 262 34.39 24.07 52.97
CA ASN A 262 33.62 22.85 52.87
C ASN A 262 32.84 22.58 54.15
N ASP A 263 33.01 23.46 55.15
CA ASP A 263 32.23 23.39 56.36
C ASP A 263 30.96 24.23 56.24
N ARG A 264 30.85 25.01 55.16
CA ARG A 264 29.63 25.75 54.89
C ARG A 264 28.99 25.28 53.59
N THR A 265 29.39 24.08 53.14
CA THR A 265 28.86 23.48 51.92
C THR A 265 27.88 22.38 52.27
N ILE A 266 26.82 22.27 51.45
CA ILE A 266 25.73 21.33 51.65
C ILE A 266 25.92 20.15 50.70
N GLY A 267 25.46 18.99 51.16
CA GLY A 267 25.61 17.73 50.43
C GLY A 267 26.06 16.61 51.37
N VAL A 268 26.02 15.37 50.89
CA VAL A 268 26.53 14.25 51.65
C VAL A 268 28.05 14.34 51.69
N GLU A 269 28.62 14.18 52.89
CA GLU A 269 30.04 14.34 53.11
C GLU A 269 30.81 13.41 52.17
N LEU A 270 32.03 13.82 51.78
CA LEU A 270 32.87 13.10 50.83
C LEU A 270 33.35 11.79 51.44
N GLN A 271 33.91 11.88 52.65
CA GLN A 271 34.53 10.73 53.30
C GLN A 271 33.54 9.56 53.38
N ASP A 272 32.25 9.90 53.38
CA ASP A 272 31.16 8.93 53.45
C ASP A 272 31.20 8.03 52.23
N LEU A 273 31.71 8.56 51.13
CA LEU A 273 31.69 7.88 49.84
C LEU A 273 32.55 6.63 49.89
N ARG A 274 33.62 6.68 50.70
CA ARG A 274 34.58 5.59 50.80
C ARG A 274 33.95 4.39 51.51
N LEU A 275 32.88 4.64 52.27
CA LEU A 275 32.29 3.65 53.15
C LEU A 275 31.31 2.81 52.35
N LYS A 276 30.86 3.36 51.22
CA LYS A 276 29.73 2.82 50.50
C LYS A 276 30.17 1.59 49.71
N GLU A 277 29.27 0.60 49.68
CA GLU A 277 29.52 -0.70 49.06
C GLU A 277 29.85 -0.53 47.58
N ARG A 278 29.18 0.42 46.91
CA ARG A 278 29.54 0.81 45.55
C ARG A 278 29.43 2.33 45.38
N SER A 279 30.59 2.96 45.21
CA SER A 279 30.67 4.37 44.89
C SER A 279 31.15 4.54 43.45
N ILE A 280 30.24 4.99 42.57
CA ILE A 280 30.41 4.90 41.13
C ILE A 280 30.68 6.29 40.56
N LEU A 281 31.91 6.49 40.08
CA LEU A 281 32.26 7.70 39.33
C LEU A 281 32.18 7.43 37.83
N VAL A 282 31.32 8.22 37.18
CA VAL A 282 31.39 8.38 35.74
C VAL A 282 31.96 9.76 35.44
N ALA A 283 33.17 9.74 34.87
CA ALA A 283 33.78 10.91 34.28
C ALA A 283 34.78 10.46 33.20
N GLY A 284 35.08 11.40 32.31
CA GLY A 284 36.03 11.23 31.23
C GLY A 284 36.19 12.57 30.53
N GLY A 285 37.13 12.63 29.58
CA GLY A 285 37.36 13.86 28.83
C GLY A 285 38.82 14.27 28.85
N SER A 286 39.28 14.77 27.70
CA SER A 286 40.65 15.20 27.53
C SER A 286 40.96 16.40 28.41
N ARG A 287 39.98 17.30 28.53
CA ARG A 287 40.16 18.52 29.30
C ARG A 287 39.96 18.21 30.79
N LYS A 288 39.51 16.99 31.09
CA LYS A 288 39.16 16.60 32.44
C LYS A 288 39.84 15.28 32.80
N VAL A 289 41.10 15.37 33.22
CA VAL A 289 41.88 14.23 33.67
C VAL A 289 42.41 14.54 35.07
N SER A 290 42.74 15.82 35.29
CA SER A 290 43.31 16.31 36.53
C SER A 290 42.39 15.90 37.68
N SER A 291 41.11 16.22 37.50
CA SER A 291 40.07 15.98 38.48
C SER A 291 39.98 14.49 38.82
N ILE A 292 39.92 13.65 37.78
CA ILE A 292 39.81 12.21 37.96
C ILE A 292 41.01 11.70 38.74
N HIS A 293 42.18 12.29 38.48
CA HIS A 293 43.41 11.93 39.16
C HIS A 293 43.24 12.12 40.66
N GLY A 294 42.67 13.26 41.05
CA GLY A 294 42.48 13.63 42.45
C GLY A 294 41.34 12.88 43.13
N ALA A 295 40.37 12.39 42.35
CA ALA A 295 39.20 11.73 42.91
C ALA A 295 39.53 10.28 43.22
N LEU A 296 40.32 9.65 42.36
CA LEU A 296 40.61 8.24 42.54
C LEU A 296 41.68 8.06 43.61
N THR A 297 42.55 9.09 43.74
CA THR A 297 43.59 9.16 44.75
C THR A 297 42.97 9.35 46.13
N GLY A 298 41.93 10.18 46.19
CA GLY A 298 41.21 10.41 47.42
C GLY A 298 40.47 9.17 47.89
N LYS A 299 40.54 8.10 47.09
CA LYS A 299 39.91 6.82 47.37
C LYS A 299 38.41 7.01 47.62
N TYR A 300 37.77 7.80 46.75
CA TYR A 300 36.35 8.11 46.89
C TYR A 300 35.52 7.08 46.12
N ALA A 301 35.92 6.80 44.89
CA ALA A 301 35.21 5.82 44.09
C ALA A 301 35.87 4.45 44.23
N ASN A 302 35.05 3.41 44.12
CA ASN A 302 35.54 2.04 44.05
C ASN A 302 35.05 1.38 42.76
N VAL A 303 34.16 2.09 42.03
CA VAL A 303 33.86 1.77 40.65
C VAL A 303 34.13 3.01 39.79
N LEU A 304 34.87 2.81 38.69
CA LEU A 304 35.11 3.87 37.72
C LEU A 304 34.60 3.47 36.34
N ILE A 305 33.85 4.40 35.74
CA ILE A 305 33.43 4.31 34.36
C ILE A 305 34.02 5.48 33.59
N ILE A 306 34.91 5.13 32.65
CA ILE A 306 35.79 6.07 31.95
C ILE A 306 36.03 5.57 30.53
N ASP A 307 36.35 6.52 29.64
CA ASP A 307 36.61 6.22 28.24
C ASP A 307 38.08 5.85 28.10
N GLN A 308 38.46 5.49 26.87
CA GLN A 308 39.79 4.97 26.58
C GLN A 308 40.78 6.11 26.37
N HIS A 309 40.28 7.28 25.98
CA HIS A 309 41.12 8.44 25.77
C HIS A 309 41.66 8.89 27.12
N THR A 310 40.73 9.05 28.08
CA THR A 310 41.06 9.49 29.42
C THR A 310 41.77 8.38 30.19
N ALA A 311 41.42 7.12 29.92
CA ALA A 311 41.96 5.96 30.64
C ALA A 311 43.45 5.76 30.40
N ARG A 312 43.89 5.98 29.15
CA ARG A 312 45.28 5.91 28.74
C ARG A 312 46.08 7.09 29.31
N ALA A 313 45.45 8.28 29.31
CA ALA A 313 46.11 9.47 29.82
C ALA A 313 46.34 9.31 31.31
N LEU A 314 45.54 8.45 31.96
CA LEU A 314 45.66 8.21 33.39
C LEU A 314 46.89 7.35 33.68
N VAL A 315 47.08 6.29 32.87
CA VAL A 315 48.18 5.37 33.06
C VAL A 315 49.49 6.02 32.67
N ASN A 316 49.42 7.26 32.16
CA ASN A 316 50.59 8.03 31.76
C ASN A 316 50.95 9.05 32.85
N ASP A 317 51.04 8.57 34.10
CA ASP A 317 51.41 9.39 35.23
C ASP A 317 52.80 8.98 35.73
N ASP B 7 56.62 -3.76 14.90
CA ASP B 7 56.26 -4.45 13.63
C ASP B 7 54.75 -4.48 13.44
N ARG B 8 54.00 -4.22 14.52
CA ARG B 8 52.55 -4.34 14.49
C ARG B 8 51.90 -3.08 15.07
N GLU B 9 52.02 -1.97 14.35
CA GLU B 9 51.26 -0.77 14.61
C GLU B 9 50.13 -0.74 13.58
N LYS B 10 50.26 -1.62 12.59
CA LYS B 10 49.24 -1.81 11.57
C LYS B 10 48.10 -2.61 12.19
N GLN B 11 48.47 -3.68 12.90
CA GLN B 11 47.47 -4.53 13.51
C GLN B 11 46.56 -3.66 14.38
N GLN B 12 47.19 -2.77 15.15
CA GLN B 12 46.48 -1.90 16.08
C GLN B 12 45.54 -0.98 15.29
N LEU B 13 46.03 -0.43 14.18
CA LEU B 13 45.18 0.39 13.34
C LEU B 13 44.02 -0.44 12.80
N SER B 14 44.33 -1.65 12.31
CA SER B 14 43.29 -2.48 11.74
C SER B 14 42.24 -2.79 12.79
N ILE B 15 42.70 -3.08 14.02
CA ILE B 15 41.81 -3.34 15.13
C ILE B 15 41.09 -2.05 15.52
N GLU B 16 41.76 -0.91 15.38
CA GLU B 16 41.16 0.34 15.82
C GLU B 16 40.09 0.77 14.82
N ALA B 17 40.46 0.76 13.52
CA ALA B 17 39.60 1.23 12.45
C ALA B 17 38.40 0.30 12.26
N ALA B 18 38.64 -1.01 12.32
CA ALA B 18 37.59 -1.99 12.13
C ALA B 18 36.49 -1.81 13.18
N ARG B 19 36.91 -1.53 14.42
CA ARG B 19 36.00 -1.34 15.53
C ARG B 19 35.09 -0.14 15.28
N LEU B 20 35.67 0.99 14.85
CA LEU B 20 34.89 2.19 14.60
C LEU B 20 33.77 1.85 13.63
N TYR B 21 34.13 1.08 12.60
CA TYR B 21 33.19 0.70 11.57
C TYR B 21 32.24 -0.38 12.05
N TYR B 22 32.24 -0.71 13.35
CA TYR B 22 31.30 -1.72 13.79
C TYR B 22 30.71 -1.40 15.15
N GLN B 23 31.36 -0.50 15.91
CA GLN B 23 30.88 -0.14 17.22
C GLN B 23 30.52 1.34 17.21
N SER B 24 30.51 1.93 16.02
CA SER B 24 30.13 3.33 15.91
C SER B 24 29.23 3.53 14.70
N ASP B 25 29.06 2.46 13.90
CA ASP B 25 28.35 2.49 12.63
C ASP B 25 28.89 3.61 11.76
N TYR B 26 30.23 3.62 11.62
CA TYR B 26 30.97 4.64 10.91
C TYR B 26 31.14 4.24 9.43
N SER B 27 31.25 5.27 8.57
CA SER B 27 31.46 5.06 7.15
C SER B 27 32.92 4.71 6.89
N GLN B 28 33.22 4.12 5.73
CA GLN B 28 34.62 3.90 5.42
C GLN B 28 35.29 5.27 5.37
N GLN B 29 34.58 6.21 4.77
CA GLN B 29 35.09 7.57 4.61
C GLN B 29 35.04 8.30 5.95
N GLN B 30 34.14 7.89 6.84
CA GLN B 30 34.15 8.44 8.19
C GLN B 30 35.47 8.11 8.89
N ILE B 31 36.00 6.92 8.59
CA ILE B 31 37.22 6.40 9.22
C ILE B 31 38.44 7.08 8.59
N ALA B 32 38.39 7.26 7.27
CA ALA B 32 39.49 7.87 6.53
C ALA B 32 39.69 9.33 6.95
N GLU B 33 38.65 9.93 7.54
CA GLU B 33 38.69 11.33 7.95
C GLU B 33 39.59 11.51 9.17
N GLN B 34 39.30 10.76 10.24
CA GLN B 34 40.02 10.85 11.51
C GLN B 34 41.44 10.30 11.38
N LEU B 35 41.62 9.26 10.56
CA LEU B 35 42.93 8.63 10.37
C LEU B 35 43.74 9.39 9.33
N ASN B 36 43.09 10.32 8.64
CA ASN B 36 43.76 11.17 7.65
C ASN B 36 44.42 10.29 6.59
N ILE B 37 43.69 9.31 6.06
CA ILE B 37 44.18 8.37 5.07
C ILE B 37 43.17 8.23 3.92
N SER B 38 43.53 7.45 2.91
CA SER B 38 42.68 7.23 1.74
C SER B 38 41.57 6.24 2.09
N ARG B 39 40.43 6.37 1.40
CA ARG B 39 39.27 5.53 1.67
C ARG B 39 39.59 4.07 1.29
N PRO B 40 40.26 3.82 0.14
CA PRO B 40 40.58 2.46 -0.27
C PRO B 40 41.44 1.73 0.75
N THR B 41 42.41 2.46 1.33
CA THR B 41 43.29 1.90 2.34
C THR B 41 42.48 1.36 3.52
N VAL B 42 41.50 2.17 3.96
CA VAL B 42 40.68 1.83 5.11
C VAL B 42 39.96 0.51 4.81
N SER B 43 39.45 0.37 3.60
CA SER B 43 38.72 -0.84 3.19
C SER B 43 39.65 -2.05 3.27
N ARG B 44 40.90 -1.88 2.82
CA ARG B 44 41.88 -2.95 2.85
C ARG B 44 42.21 -3.35 4.28
N LEU B 45 42.29 -2.36 5.18
CA LEU B 45 42.57 -2.60 6.58
C LEU B 45 41.48 -3.48 7.17
N LEU B 46 40.23 -3.16 6.85
CA LEU B 46 39.08 -3.88 7.38
C LEU B 46 39.14 -5.33 6.90
N GLN B 47 39.51 -5.53 5.64
CA GLN B 47 39.63 -6.86 5.06
C GLN B 47 40.69 -7.66 5.79
N TYR B 48 41.80 -6.98 6.11
CA TYR B 48 42.92 -7.60 6.80
C TYR B 48 42.49 -8.06 8.19
N ALA B 49 41.71 -7.23 8.89
CA ALA B 49 41.25 -7.56 10.23
C ALA B 49 40.37 -8.80 10.19
N LYS B 50 39.49 -8.90 9.19
CA LYS B 50 38.61 -10.05 9.04
C LYS B 50 39.46 -11.29 8.74
N GLU B 51 40.53 -11.11 7.95
CA GLU B 51 41.38 -12.20 7.49
C GLU B 51 42.12 -12.88 8.65
N LYS B 52 42.63 -12.09 9.60
CA LYS B 52 43.36 -12.62 10.75
C LYS B 52 42.44 -12.86 11.94
N GLY B 53 41.20 -12.37 11.85
CA GLY B 53 40.18 -12.66 12.84
C GLY B 53 40.25 -11.71 14.03
N TYR B 54 40.38 -10.40 13.74
CA TYR B 54 40.21 -9.38 14.74
C TYR B 54 38.72 -9.11 14.94
N VAL B 55 37.95 -9.41 13.87
CA VAL B 55 36.50 -9.27 13.79
C VAL B 55 35.91 -10.63 13.40
N GLN B 56 35.19 -11.25 14.35
CA GLN B 56 34.59 -12.55 14.12
C GLN B 56 33.08 -12.45 14.26
N ILE B 57 32.40 -13.16 13.34
CA ILE B 57 30.99 -12.98 13.07
C ILE B 57 30.28 -14.33 13.28
N ARG B 58 29.10 -14.26 13.89
CA ARG B 58 28.41 -15.44 14.42
C ARG B 58 26.94 -15.38 14.00
N VAL B 59 26.44 -16.50 13.45
CA VAL B 59 25.07 -16.56 12.97
C VAL B 59 24.27 -17.38 13.97
N MET B 60 24.11 -16.82 15.17
CA MET B 60 23.30 -17.44 16.21
C MET B 60 21.88 -17.59 15.67
N ASP B 61 21.34 -18.80 15.80
CA ASP B 61 20.00 -19.13 15.33
C ASP B 61 19.31 -19.90 16.44
N PRO B 62 18.36 -19.29 17.18
CA PRO B 62 17.84 -19.91 18.40
C PRO B 62 16.83 -20.98 17.98
N PHE B 63 16.38 -20.87 16.73
CA PHE B 63 15.44 -21.77 16.08
C PHE B 63 15.80 -23.23 16.38
N GLU B 64 17.02 -23.62 15.99
CA GLU B 64 17.53 -24.97 16.17
C GLU B 64 17.40 -25.39 17.64
N ASP B 65 17.88 -24.52 18.54
CA ASP B 65 17.83 -24.74 19.97
C ASP B 65 16.41 -25.12 20.38
N LEU B 66 15.45 -24.29 19.94
CA LEU B 66 14.07 -24.41 20.39
C LEU B 66 13.46 -25.72 19.87
N ASP B 67 13.78 -26.09 18.63
CA ASP B 67 13.32 -27.32 17.99
C ASP B 67 13.66 -28.51 18.89
N ALA B 68 14.95 -28.65 19.19
CA ALA B 68 15.47 -29.77 19.94
C ALA B 68 14.86 -29.83 21.33
N LEU B 69 14.72 -28.65 21.99
CA LEU B 69 14.25 -28.58 23.37
C LEU B 69 12.84 -29.17 23.45
N GLY B 70 12.03 -28.74 22.47
CA GLY B 70 10.68 -29.24 22.30
C GLY B 70 10.67 -30.77 22.20
N SER B 71 11.64 -31.34 21.47
CA SER B 71 11.69 -32.76 21.21
C SER B 71 11.82 -33.53 22.53
N ILE B 72 12.47 -32.90 23.51
CA ILE B 72 12.72 -33.53 24.80
C ILE B 72 11.41 -33.57 25.58
N LEU B 73 10.69 -32.45 25.58
CA LEU B 73 9.45 -32.36 26.31
C LEU B 73 8.44 -33.34 25.71
N GLU B 74 8.51 -33.53 24.39
CA GLU B 74 7.65 -34.46 23.66
C GLU B 74 7.89 -35.87 24.16
N GLU B 75 9.17 -36.19 24.41
CA GLU B 75 9.54 -37.52 24.84
C GLU B 75 9.33 -37.66 26.35
N LYS B 76 9.58 -36.58 27.09
CA LYS B 76 9.62 -36.61 28.54
C LYS B 76 8.23 -36.86 29.12
N TYR B 77 7.21 -36.20 28.54
CA TYR B 77 5.85 -36.24 29.05
C TYR B 77 4.92 -36.93 28.05
N GLY B 78 5.49 -37.40 26.94
CA GLY B 78 4.80 -38.31 26.02
C GLY B 78 3.68 -37.61 25.24
N LEU B 79 3.96 -36.39 24.77
CA LEU B 79 2.96 -35.52 24.16
C LEU B 79 2.94 -35.76 22.65
N LEU B 80 1.88 -35.30 21.97
CA LEU B 80 1.89 -35.33 20.52
C LEU B 80 2.75 -34.20 19.97
N GLU B 81 2.58 -32.99 20.54
CA GLU B 81 3.30 -31.82 20.07
C GLU B 81 3.78 -30.99 21.25
N ALA B 82 4.98 -30.43 21.11
CA ALA B 82 5.49 -29.45 22.06
C ALA B 82 6.08 -28.27 21.30
N HIS B 83 5.47 -27.09 21.51
CA HIS B 83 5.95 -25.87 20.89
C HIS B 83 6.58 -24.98 21.94
N VAL B 84 7.90 -24.78 21.80
CA VAL B 84 8.64 -23.85 22.63
C VAL B 84 8.72 -22.52 21.90
N VAL B 85 8.16 -21.47 22.50
CA VAL B 85 8.13 -20.16 21.88
C VAL B 85 9.20 -19.30 22.54
N PHE B 86 10.03 -18.62 21.74
CA PHE B 86 11.04 -17.72 22.29
C PHE B 86 10.37 -16.48 22.86
N SER B 87 10.74 -16.15 24.10
CA SER B 87 10.35 -14.90 24.73
C SER B 87 11.60 -14.17 25.20
N PRO B 88 11.72 -12.85 24.90
CA PRO B 88 12.96 -12.13 25.15
C PRO B 88 13.11 -11.90 26.66
N THR B 89 12.02 -12.11 27.39
CA THR B 89 11.99 -11.77 28.80
C THR B 89 11.45 -12.93 29.62
N PRO B 90 11.99 -13.19 30.84
CA PRO B 90 11.39 -14.18 31.75
C PRO B 90 10.39 -13.63 32.77
N ASP B 91 10.14 -12.32 32.76
CA ASP B 91 9.06 -11.77 33.56
C ASP B 91 7.72 -12.23 32.98
N TYR B 92 6.72 -12.37 33.86
CA TYR B 92 5.50 -13.08 33.54
C TYR B 92 4.84 -12.48 32.31
N ALA B 93 4.73 -11.14 32.30
CA ALA B 93 4.01 -10.40 31.29
C ALA B 93 4.56 -10.70 29.89
N GLY B 94 5.87 -10.54 29.72
CA GLY B 94 6.51 -10.75 28.43
C GLY B 94 6.25 -12.15 27.87
N ILE B 95 6.38 -13.16 28.74
CA ILE B 95 6.07 -14.54 28.41
C ILE B 95 4.63 -14.64 27.92
N THR B 96 3.70 -14.13 28.74
CA THR B 96 2.28 -14.18 28.41
C THR B 96 2.05 -13.71 26.96
N HIS B 97 2.56 -12.52 26.62
CA HIS B 97 2.31 -11.90 25.33
C HIS B 97 2.79 -12.81 24.20
N ASP B 98 4.06 -13.24 24.26
CA ASP B 98 4.66 -14.03 23.20
C ASP B 98 3.89 -15.33 23.02
N LEU B 99 3.52 -15.97 24.14
CA LEU B 99 2.80 -17.22 24.10
C LEU B 99 1.45 -17.00 23.44
N SER B 100 0.78 -15.91 23.86
CA SER B 100 -0.59 -15.62 23.49
C SER B 100 -0.71 -15.57 21.97
N ARG B 101 0.23 -14.84 21.36
CA ARG B 101 0.24 -14.61 19.92
C ARG B 101 0.50 -15.92 19.20
N TYR B 102 1.37 -16.77 19.76
CA TYR B 102 1.55 -18.07 19.13
C TYR B 102 0.28 -18.91 19.25
N GLY B 103 -0.38 -18.85 20.40
CA GLY B 103 -1.63 -19.58 20.59
C GLY B 103 -2.61 -19.31 19.46
N ALA B 104 -2.79 -18.02 19.17
CA ALA B 104 -3.63 -17.53 18.09
C ALA B 104 -3.26 -18.20 16.77
N GLU B 105 -1.97 -18.14 16.45
CA GLU B 105 -1.51 -18.64 15.17
C GLU B 105 -1.80 -20.13 15.06
N TYR B 106 -1.52 -20.87 16.15
CA TYR B 106 -1.69 -22.31 16.13
C TYR B 106 -3.15 -22.65 15.88
N MET B 107 -4.05 -21.98 16.61
CA MET B 107 -5.47 -22.26 16.46
C MET B 107 -5.86 -22.03 15.00
N HIS B 108 -5.37 -20.92 14.42
CA HIS B 108 -5.70 -20.52 13.06
C HIS B 108 -5.28 -21.63 12.09
N GLU B 109 -4.09 -22.19 12.30
CA GLU B 109 -3.55 -23.19 11.40
C GLU B 109 -4.26 -24.53 11.60
N THR B 110 -4.73 -24.78 12.84
CA THR B 110 -5.12 -26.10 13.29
C THR B 110 -6.59 -26.38 12.97
N VAL B 111 -7.46 -25.40 13.27
CA VAL B 111 -8.90 -25.52 13.18
C VAL B 111 -9.32 -25.71 11.72
N LYS B 112 -10.06 -26.80 11.46
CA LYS B 112 -10.50 -27.16 10.12
C LYS B 112 -12.03 -27.28 10.07
N ASP B 113 -12.59 -27.29 8.85
CA ASP B 113 -14.02 -27.33 8.66
C ASP B 113 -14.61 -28.46 9.50
N GLY B 114 -15.56 -28.11 10.38
CA GLY B 114 -16.34 -29.09 11.11
C GLY B 114 -15.68 -29.51 12.43
N ASP B 115 -14.78 -28.68 12.95
CA ASP B 115 -14.20 -28.96 14.25
C ASP B 115 -15.16 -28.52 15.35
N ILE B 116 -15.11 -29.26 16.47
CA ILE B 116 -15.80 -28.96 17.71
C ILE B 116 -14.78 -28.42 18.72
N VAL B 117 -14.84 -27.12 19.03
CA VAL B 117 -13.77 -26.48 19.78
C VAL B 117 -14.25 -26.09 21.17
N GLY B 118 -13.63 -26.68 22.19
CA GLY B 118 -13.86 -26.30 23.57
C GLY B 118 -12.92 -25.17 23.99
N VAL B 119 -13.50 -24.14 24.63
CA VAL B 119 -12.76 -22.98 25.11
C VAL B 119 -12.91 -22.85 26.62
N SER B 120 -11.98 -22.11 27.25
CA SER B 120 -12.07 -21.68 28.64
C SER B 120 -11.86 -20.17 28.72
N TRP B 121 -11.95 -19.62 29.92
CA TRP B 121 -11.57 -18.23 30.09
C TRP B 121 -10.40 -18.10 31.06
N GLY B 122 -9.89 -16.87 31.15
CA GLY B 122 -8.62 -16.56 31.76
C GLY B 122 -8.00 -15.43 30.95
N THR B 123 -7.25 -14.55 31.61
CA THR B 123 -6.71 -13.41 30.89
C THR B 123 -5.63 -13.91 29.93
N THR B 124 -5.03 -15.06 30.26
CA THR B 124 -4.24 -15.82 29.31
C THR B 124 -5.06 -16.10 28.06
N MET B 125 -6.19 -16.79 28.29
CA MET B 125 -7.05 -17.31 27.25
C MET B 125 -7.54 -16.18 26.35
N TYR B 126 -7.85 -15.03 26.95
CA TYR B 126 -8.35 -13.87 26.23
C TYR B 126 -7.31 -13.43 25.21
N GLN B 127 -6.05 -13.41 25.63
CA GLN B 127 -4.98 -12.86 24.82
C GLN B 127 -4.87 -13.62 23.51
N ILE B 128 -4.88 -14.97 23.57
CA ILE B 128 -4.72 -15.79 22.39
C ILE B 128 -5.83 -15.44 21.40
N ALA B 129 -7.04 -15.26 21.94
CA ALA B 129 -8.21 -14.95 21.15
C ALA B 129 -8.04 -13.62 20.44
N GLN B 130 -7.49 -12.63 21.15
CA GLN B 130 -7.49 -11.25 20.65
C GLN B 130 -6.76 -11.17 19.32
N ASN B 131 -5.65 -11.89 19.16
CA ASN B 131 -4.96 -11.89 17.87
C ASN B 131 -5.95 -12.38 16.82
N MET B 132 -5.98 -11.70 15.67
CA MET B 132 -7.17 -11.66 14.83
C MET B 132 -7.59 -13.09 14.47
N GLN B 133 -6.67 -13.84 13.86
CA GLN B 133 -6.84 -15.26 13.60
C GLN B 133 -8.21 -15.54 12.96
N PRO B 134 -8.66 -14.77 11.96
CA PRO B 134 -9.97 -15.01 11.33
C PRO B 134 -9.83 -16.06 10.22
N LYS B 135 -10.91 -16.76 9.89
CA LYS B 135 -10.78 -17.81 8.88
C LYS B 135 -12.13 -18.08 8.22
N GLN B 136 -12.07 -18.39 6.92
CA GLN B 136 -13.23 -18.80 6.15
C GLN B 136 -13.51 -20.28 6.39
N VAL B 137 -13.90 -20.60 7.62
CA VAL B 137 -14.11 -21.98 8.03
C VAL B 137 -15.60 -22.25 8.16
N LYS B 138 -16.01 -23.51 7.99
CA LYS B 138 -17.42 -23.86 7.90
C LYS B 138 -17.74 -25.06 8.80
N GLY B 139 -18.93 -25.03 9.40
CA GLY B 139 -19.42 -26.12 10.21
C GLY B 139 -18.73 -26.18 11.58
N VAL B 140 -18.02 -25.10 11.93
CA VAL B 140 -17.30 -25.09 13.19
C VAL B 140 -18.22 -24.56 14.27
N GLU B 141 -18.10 -25.17 15.47
CA GLU B 141 -18.81 -24.72 16.64
C GLU B 141 -17.83 -24.57 17.79
N VAL B 142 -18.18 -23.70 18.73
CA VAL B 142 -17.28 -23.25 19.78
C VAL B 142 -18.05 -23.30 21.10
N VAL B 143 -17.48 -23.95 22.13
CA VAL B 143 -18.20 -24.19 23.37
C VAL B 143 -17.36 -23.78 24.60
N GLN B 144 -18.07 -23.31 25.62
CA GLN B 144 -17.51 -22.97 26.92
C GLN B 144 -17.26 -24.24 27.72
N LEU B 145 -16.07 -24.37 28.33
CA LEU B 145 -15.70 -25.57 29.07
C LEU B 145 -15.61 -25.29 30.57
N LYS B 146 -15.64 -24.00 30.94
CA LYS B 146 -15.31 -23.58 32.29
C LYS B 146 -16.50 -22.84 32.90
N GLY B 147 -16.75 -23.07 34.20
CA GLY B 147 -17.81 -22.38 34.92
C GLY B 147 -17.52 -20.90 35.05
N GLY B 148 -18.56 -20.11 35.36
CA GLY B 148 -18.44 -18.66 35.46
C GLY B 148 -18.58 -18.14 36.89
N ILE B 149 -18.71 -16.81 36.99
CA ILE B 149 -18.62 -16.10 38.26
C ILE B 149 -19.94 -15.39 38.52
N SER B 150 -20.18 -15.06 39.79
CA SER B 150 -21.23 -14.14 40.17
C SER B 150 -20.75 -12.70 39.98
N HIS B 151 -19.46 -12.49 40.30
CA HIS B 151 -18.89 -11.16 40.43
C HIS B 151 -17.37 -11.30 40.44
N SER B 152 -16.66 -10.24 40.04
CA SER B 152 -15.21 -10.23 40.12
C SER B 152 -14.66 -8.81 40.05
N ARG B 153 -13.53 -8.58 40.72
CA ARG B 153 -12.89 -7.28 40.78
C ARG B 153 -12.25 -6.92 39.44
N VAL B 154 -11.62 -7.90 38.77
CA VAL B 154 -11.24 -7.72 37.39
C VAL B 154 -12.27 -8.37 36.48
N ASN B 155 -12.40 -7.81 35.27
CA ASN B 155 -13.19 -8.40 34.21
C ASN B 155 -12.56 -9.74 33.82
N THR B 156 -13.41 -10.78 33.77
CA THR B 156 -12.99 -12.14 33.42
C THR B 156 -12.71 -12.22 31.92
N TYR B 157 -13.36 -11.32 31.16
CA TYR B 157 -13.33 -11.28 29.71
C TYR B 157 -13.86 -12.58 29.12
N SER B 158 -14.57 -13.34 29.96
CA SER B 158 -15.09 -14.66 29.63
C SER B 158 -15.95 -14.58 28.38
N ALA B 159 -16.88 -13.62 28.39
CA ALA B 159 -17.88 -13.48 27.34
C ALA B 159 -17.17 -13.21 26.01
N GLU B 160 -16.37 -12.16 26.00
CA GLU B 160 -15.74 -11.66 24.80
C GLU B 160 -14.78 -12.71 24.27
N THR B 161 -14.16 -13.45 25.19
CA THR B 161 -13.20 -14.49 24.84
C THR B 161 -13.86 -15.46 23.87
N ILE B 162 -14.94 -16.09 24.32
CA ILE B 162 -15.56 -17.14 23.54
C ILE B 162 -16.25 -16.51 22.32
N GLN B 163 -16.72 -15.27 22.46
CA GLN B 163 -17.34 -14.54 21.36
C GLN B 163 -16.34 -14.36 20.23
N LEU B 164 -15.13 -13.92 20.56
CA LEU B 164 -14.16 -13.61 19.54
C LEU B 164 -13.79 -14.90 18.80
N PHE B 165 -13.69 -15.99 19.55
CA PHE B 165 -13.38 -17.30 19.00
C PHE B 165 -14.45 -17.69 17.98
N ALA B 166 -15.71 -17.53 18.40
CA ALA B 166 -16.88 -17.84 17.59
C ALA B 166 -16.83 -17.03 16.29
N GLU B 167 -16.75 -15.70 16.42
CA GLU B 167 -16.80 -14.79 15.29
C GLU B 167 -15.76 -15.22 14.27
N ALA B 168 -14.56 -15.53 14.77
CA ALA B 168 -13.40 -15.80 13.94
C ALA B 168 -13.60 -17.09 13.16
N PHE B 169 -14.53 -17.93 13.63
CA PHE B 169 -14.71 -19.24 13.03
C PHE B 169 -16.04 -19.35 12.32
N GLN B 170 -16.63 -18.19 11.98
CA GLN B 170 -17.92 -18.17 11.30
C GLN B 170 -18.85 -19.17 11.98
N THR B 171 -18.97 -19.02 13.30
CA THR B 171 -20.01 -19.63 14.11
C THR B 171 -20.38 -18.65 15.22
N MET B 172 -21.18 -19.12 16.18
CA MET B 172 -21.55 -18.31 17.33
C MET B 172 -21.33 -19.13 18.60
N PRO B 173 -21.31 -18.47 19.79
CA PRO B 173 -20.89 -19.11 21.04
C PRO B 173 -21.96 -20.02 21.65
N ARG B 174 -21.52 -21.16 22.19
CA ARG B 174 -22.34 -21.96 23.08
C ARG B 174 -21.85 -21.73 24.51
N TYR B 175 -22.55 -20.89 25.27
CA TYR B 175 -22.18 -20.64 26.64
C TYR B 175 -22.58 -21.82 27.52
N LEU B 176 -21.88 -21.95 28.64
CA LEU B 176 -22.34 -22.77 29.74
C LEU B 176 -22.85 -21.84 30.84
N PRO B 177 -24.19 -21.70 30.94
CA PRO B 177 -24.78 -20.63 31.75
C PRO B 177 -24.96 -21.03 33.20
N LEU B 178 -23.84 -21.40 33.86
CA LEU B 178 -23.88 -21.92 35.21
C LEU B 178 -22.75 -21.31 36.04
N PRO B 179 -22.86 -21.27 37.39
CA PRO B 179 -21.76 -20.84 38.24
C PRO B 179 -20.75 -21.98 38.33
N VAL B 180 -19.51 -21.64 38.68
CA VAL B 180 -18.40 -22.58 38.63
C VAL B 180 -18.59 -23.62 39.74
N VAL B 181 -19.25 -23.19 40.83
CA VAL B 181 -19.41 -24.05 41.98
C VAL B 181 -20.83 -23.90 42.54
N PHE B 182 -21.40 -25.04 42.93
CA PHE B 182 -22.63 -25.10 43.69
C PHE B 182 -22.34 -25.43 45.15
N ASP B 183 -23.20 -24.93 46.03
CA ASP B 183 -23.00 -25.12 47.44
C ASP B 183 -23.10 -26.60 47.78
N ASN B 184 -23.98 -27.31 47.07
CA ASN B 184 -24.21 -28.73 47.37
C ASN B 184 -24.08 -29.57 46.11
N ALA B 185 -23.56 -30.80 46.29
CA ALA B 185 -23.23 -31.72 45.22
C ALA B 185 -24.49 -32.23 44.51
N ASP B 186 -25.56 -32.46 45.29
CA ASP B 186 -26.81 -32.94 44.72
C ASP B 186 -27.33 -31.91 43.73
N VAL B 187 -27.31 -30.64 44.15
CA VAL B 187 -27.73 -29.53 43.31
C VAL B 187 -27.01 -29.66 41.97
N LYS B 188 -25.67 -29.76 42.05
CA LYS B 188 -24.78 -29.77 40.90
C LYS B 188 -25.17 -30.89 39.94
N ARG B 189 -25.42 -32.09 40.51
CA ARG B 189 -25.73 -33.26 39.72
C ARG B 189 -27.03 -33.01 38.95
N MET B 190 -27.99 -32.37 39.62
CA MET B 190 -29.33 -32.33 39.09
C MET B 190 -29.45 -31.28 37.99
N VAL B 191 -28.57 -30.28 38.05
CA VAL B 191 -28.43 -29.22 37.07
C VAL B 191 -27.83 -29.77 35.77
N GLU B 192 -26.75 -30.55 35.90
CA GLU B 192 -26.00 -31.05 34.74
C GLU B 192 -26.87 -31.97 33.91
N LYS B 193 -27.95 -32.48 34.53
CA LYS B 193 -28.81 -33.45 33.90
C LYS B 193 -29.95 -32.75 33.15
N ASP B 194 -30.17 -31.45 33.40
CA ASP B 194 -31.21 -30.66 32.75
C ASP B 194 -31.11 -30.78 31.23
N ARG B 195 -32.26 -30.77 30.54
CA ARG B 195 -32.33 -31.15 29.14
C ARG B 195 -31.37 -30.29 28.31
N HIS B 196 -31.37 -28.98 28.59
CA HIS B 196 -30.63 -27.97 27.87
C HIS B 196 -29.15 -27.98 28.24
N ILE B 197 -28.84 -27.90 29.54
CA ILE B 197 -27.49 -27.85 30.08
C ILE B 197 -26.66 -29.01 29.55
N GLU B 198 -27.29 -30.19 29.48
CA GLU B 198 -26.58 -31.44 29.26
C GLU B 198 -25.92 -31.48 27.88
N ARG B 199 -26.63 -30.99 26.84
CA ARG B 199 -26.07 -30.98 25.49
C ARG B 199 -24.84 -30.07 25.44
N ILE B 200 -24.84 -29.02 26.27
CA ILE B 200 -23.70 -28.11 26.32
C ILE B 200 -22.52 -28.88 26.91
N ILE B 201 -22.73 -29.62 27.99
CA ILE B 201 -21.62 -30.36 28.58
C ILE B 201 -21.17 -31.46 27.62
N GLU B 202 -22.16 -32.10 26.99
CA GLU B 202 -21.96 -33.17 26.02
C GLU B 202 -21.14 -32.66 24.83
N MET B 203 -21.47 -31.46 24.34
CA MET B 203 -20.71 -30.84 23.27
C MET B 203 -19.28 -30.60 23.76
N GLY B 204 -19.17 -30.24 25.04
CA GLY B 204 -17.90 -30.12 25.73
C GLY B 204 -17.06 -31.40 25.58
N LYS B 205 -17.71 -32.54 25.75
CA LYS B 205 -17.03 -33.83 25.71
C LYS B 205 -16.79 -34.26 24.25
N GLN B 206 -17.62 -33.74 23.33
CA GLN B 206 -17.52 -34.10 21.93
C GLN B 206 -16.36 -33.36 21.29
N ALA B 207 -16.03 -32.19 21.85
CA ALA B 207 -14.99 -31.33 21.32
C ALA B 207 -13.74 -32.15 21.00
N ASN B 208 -13.22 -31.96 19.79
CA ASN B 208 -12.00 -32.63 19.37
C ASN B 208 -10.81 -31.70 19.56
N ILE B 209 -11.08 -30.40 19.74
CA ILE B 209 -10.07 -29.42 20.12
C ILE B 209 -10.44 -28.81 21.49
N ALA B 210 -9.42 -28.67 22.34
CA ALA B 210 -9.59 -27.98 23.62
C ALA B 210 -8.38 -27.11 23.91
N LEU B 211 -8.64 -25.88 24.36
CA LEU B 211 -7.60 -24.89 24.63
C LEU B 211 -7.80 -24.32 26.03
N PHE B 212 -6.75 -24.39 26.86
CA PHE B 212 -6.87 -23.98 28.26
C PHE B 212 -5.50 -23.59 28.81
N THR B 213 -5.53 -22.83 29.90
CA THR B 213 -4.33 -22.61 30.68
C THR B 213 -4.43 -23.44 31.95
N VAL B 214 -3.34 -23.44 32.73
CA VAL B 214 -3.37 -23.90 34.11
C VAL B 214 -3.16 -22.70 35.04
N GLY B 215 -3.81 -22.74 36.20
CA GLY B 215 -3.79 -21.61 37.12
C GLY B 215 -2.66 -21.68 38.14
N THR B 216 -2.61 -20.66 39.00
CA THR B 216 -1.58 -20.47 40.01
C THR B 216 -2.17 -20.72 41.40
N VAL B 217 -1.31 -20.87 42.41
CA VAL B 217 -1.76 -21.16 43.77
C VAL B 217 -1.73 -19.88 44.61
N ARG B 218 -1.24 -18.77 44.03
CA ARG B 218 -1.10 -17.51 44.74
C ARG B 218 -2.46 -17.13 45.32
N ASP B 219 -2.46 -16.40 46.45
CA ASP B 219 -3.69 -16.06 47.14
C ASP B 219 -4.48 -15.02 46.34
N GLU B 220 -3.94 -14.67 45.16
CA GLU B 220 -4.53 -13.66 44.28
C GLU B 220 -5.33 -14.35 43.18
N ALA B 221 -5.52 -15.68 43.30
CA ALA B 221 -6.33 -16.43 42.36
C ALA B 221 -7.78 -15.97 42.49
N LEU B 222 -8.48 -15.97 41.35
CA LEU B 222 -9.85 -15.48 41.27
C LEU B 222 -10.73 -16.33 42.19
N LEU B 223 -10.49 -17.65 42.18
CA LEU B 223 -11.28 -18.61 42.95
C LEU B 223 -11.11 -18.37 44.45
N PHE B 224 -9.90 -17.98 44.86
CA PHE B 224 -9.63 -17.65 46.25
C PHE B 224 -10.42 -16.40 46.67
N ARG B 225 -10.36 -15.36 45.83
CA ARG B 225 -10.99 -14.08 46.12
C ARG B 225 -12.52 -14.24 46.19
N LEU B 226 -13.14 -14.62 45.07
CA LEU B 226 -14.58 -14.78 45.00
C LEU B 226 -15.03 -15.88 45.97
N GLY B 227 -16.21 -15.73 46.55
CA GLY B 227 -16.59 -16.53 47.71
C GLY B 227 -17.55 -17.68 47.39
N TYR B 228 -17.05 -18.70 46.68
CA TYR B 228 -17.74 -19.96 46.45
C TYR B 228 -16.97 -21.10 47.13
N PHE B 229 -15.94 -20.72 47.91
CA PHE B 229 -15.09 -21.66 48.62
C PHE B 229 -14.97 -21.32 50.10
N ASN B 230 -14.98 -22.37 50.94
CA ASN B 230 -14.74 -22.25 52.37
C ASN B 230 -13.33 -21.71 52.58
N GLU B 231 -13.20 -20.69 53.44
CA GLU B 231 -11.90 -20.18 53.83
C GLU B 231 -11.14 -21.32 54.51
N GLU B 232 -11.88 -22.08 55.33
CA GLU B 232 -11.33 -23.22 56.06
C GLU B 232 -10.83 -24.28 55.10
N GLU B 233 -11.66 -24.62 54.09
CA GLU B 233 -11.37 -25.70 53.15
C GLU B 233 -10.31 -25.29 52.12
N LYS B 234 -10.27 -23.99 51.79
CA LYS B 234 -9.29 -23.48 50.85
C LYS B 234 -7.89 -23.67 51.42
N ALA B 235 -7.76 -23.47 52.74
CA ALA B 235 -6.50 -23.67 53.44
C ALA B 235 -6.01 -25.12 53.30
N LEU B 236 -6.95 -26.07 53.22
CA LEU B 236 -6.64 -27.48 53.07
C LEU B 236 -6.48 -27.82 51.59
N LEU B 237 -7.36 -27.23 50.77
CA LEU B 237 -7.40 -27.49 49.34
C LEU B 237 -6.10 -26.99 48.68
N LYS B 238 -5.65 -25.79 49.09
CA LYS B 238 -4.45 -25.18 48.55
C LYS B 238 -3.23 -26.06 48.82
N LYS B 239 -3.22 -26.69 50.00
CA LYS B 239 -2.13 -27.56 50.42
C LYS B 239 -1.94 -28.68 49.40
N GLN B 240 -3.05 -29.30 48.98
CA GLN B 240 -3.03 -30.52 48.18
C GLN B 240 -3.15 -30.24 46.68
N ALA B 241 -3.24 -28.96 46.28
CA ALA B 241 -3.50 -28.62 44.89
C ALA B 241 -2.37 -27.78 44.28
N VAL B 242 -1.59 -28.38 43.38
CA VAL B 242 -0.57 -27.64 42.66
C VAL B 242 -1.22 -26.54 41.80
N GLY B 243 -2.11 -26.94 40.87
CA GLY B 243 -2.77 -25.99 39.97
C GLY B 243 -4.19 -26.41 39.63
N ASP B 244 -4.78 -25.79 38.60
CA ASP B 244 -6.12 -26.11 38.14
C ASP B 244 -6.22 -25.99 36.62
N ILE B 245 -7.14 -26.77 36.02
CA ILE B 245 -7.63 -26.59 34.66
C ILE B 245 -9.15 -26.44 34.74
N CYS B 246 -9.66 -25.29 34.28
CA CYS B 246 -11.10 -25.02 34.27
C CYS B 246 -11.67 -25.14 35.69
N SER B 247 -10.81 -24.91 36.69
CA SER B 247 -11.17 -24.82 38.08
C SER B 247 -11.38 -26.21 38.70
N ARG B 248 -10.92 -27.26 38.02
CA ARG B 248 -10.72 -28.54 38.67
C ARG B 248 -9.25 -28.65 39.09
N PHE B 249 -9.02 -28.93 40.38
CA PHE B 249 -7.69 -28.88 40.95
C PHE B 249 -7.05 -30.28 40.95
N PHE B 250 -5.76 -30.33 40.61
CA PHE B 250 -5.02 -31.58 40.58
C PHE B 250 -3.94 -31.57 41.66
N ASP B 251 -3.03 -32.56 41.59
CA ASP B 251 -1.88 -32.62 42.48
C ASP B 251 -0.62 -32.83 41.65
N ALA B 252 0.52 -32.96 42.33
CA ALA B 252 1.81 -33.10 41.67
C ALA B 252 1.83 -34.33 40.75
N LYS B 253 0.79 -35.17 40.83
CA LYS B 253 0.76 -36.36 40.00
C LYS B 253 -0.41 -36.31 39.02
N GLY B 254 -1.17 -35.21 39.06
CA GLY B 254 -2.24 -34.98 38.11
C GLY B 254 -3.59 -35.51 38.59
N ASN B 255 -3.66 -35.90 39.86
CA ASN B 255 -4.88 -36.47 40.40
C ASN B 255 -5.73 -35.40 41.07
N ILE B 256 -7.06 -35.56 41.00
CA ILE B 256 -7.97 -34.67 41.67
C ILE B 256 -7.68 -34.75 43.17
N CYS B 257 -7.17 -33.64 43.73
CA CYS B 257 -6.77 -33.58 45.14
C CYS B 257 -7.97 -33.83 46.06
N SER B 258 -9.12 -33.21 45.74
CA SER B 258 -10.35 -33.41 46.50
C SER B 258 -11.53 -33.62 45.56
N SER B 259 -12.10 -34.84 45.61
CA SER B 259 -13.26 -35.19 44.80
C SER B 259 -14.53 -34.66 45.45
N ALA B 260 -14.48 -34.48 46.77
CA ALA B 260 -15.57 -33.87 47.54
C ALA B 260 -15.95 -32.52 46.92
N ILE B 261 -14.93 -31.67 46.71
CA ILE B 261 -15.10 -30.33 46.18
C ILE B 261 -15.30 -30.39 44.66
N ASN B 262 -14.55 -31.26 43.97
CA ASN B 262 -14.61 -31.36 42.52
C ASN B 262 -16.02 -31.80 42.09
N ASP B 263 -16.71 -32.51 42.99
CA ASP B 263 -17.99 -33.10 42.67
C ASP B 263 -19.10 -32.04 42.77
N ARG B 264 -18.77 -30.84 43.24
CA ARG B 264 -19.73 -29.73 43.24
C ARG B 264 -19.21 -28.58 42.37
N THR B 265 -18.25 -28.89 41.49
CA THR B 265 -17.64 -27.92 40.58
C THR B 265 -18.12 -28.16 39.16
N ILE B 266 -18.47 -27.06 38.48
CA ILE B 266 -19.08 -27.07 37.16
C ILE B 266 -17.99 -26.91 36.12
N GLY B 267 -18.21 -27.54 34.95
CA GLY B 267 -17.25 -27.52 33.87
C GLY B 267 -17.11 -28.90 33.27
N VAL B 268 -16.52 -28.97 32.07
CA VAL B 268 -16.24 -30.26 31.49
C VAL B 268 -15.23 -30.99 32.37
N GLU B 269 -15.28 -32.32 32.34
CA GLU B 269 -14.50 -33.17 33.23
C GLU B 269 -13.06 -33.28 32.71
N LEU B 270 -12.11 -33.32 33.65
CA LEU B 270 -10.68 -33.32 33.35
C LEU B 270 -10.31 -34.53 32.51
N GLN B 271 -10.83 -35.70 32.90
CA GLN B 271 -10.43 -36.95 32.26
C GLN B 271 -10.82 -36.94 30.79
N ASP B 272 -11.84 -36.13 30.45
CA ASP B 272 -12.38 -36.01 29.11
C ASP B 272 -11.31 -35.45 28.18
N LEU B 273 -10.42 -34.66 28.78
CA LEU B 273 -9.41 -33.93 28.04
C LEU B 273 -8.45 -34.91 27.37
N ARG B 274 -8.26 -36.07 28.01
CA ARG B 274 -7.29 -37.06 27.56
C ARG B 274 -7.77 -37.72 26.27
N LEU B 275 -9.08 -37.60 26.02
CA LEU B 275 -9.72 -38.33 24.95
C LEU B 275 -9.58 -37.54 23.65
N LYS B 276 -9.36 -36.23 23.81
CA LYS B 276 -9.55 -35.28 22.74
C LYS B 276 -8.36 -35.32 21.79
N GLU B 277 -8.66 -35.22 20.49
CA GLU B 277 -7.70 -35.38 19.42
C GLU B 277 -6.59 -34.34 19.55
N ARG B 278 -6.95 -33.12 19.98
CA ARG B 278 -5.97 -32.11 20.39
C ARG B 278 -6.43 -31.39 21.65
N SER B 279 -5.74 -31.66 22.75
CA SER B 279 -5.92 -30.94 24.00
C SER B 279 -4.71 -30.04 24.23
N ILE B 280 -4.94 -28.72 24.12
CA ILE B 280 -3.87 -27.75 23.97
C ILE B 280 -3.73 -26.93 25.26
N LEU B 281 -2.61 -27.13 25.97
CA LEU B 281 -2.27 -26.30 27.11
C LEU B 281 -1.30 -25.20 26.69
N VAL B 282 -1.74 -23.96 26.91
CA VAL B 282 -0.85 -22.81 26.93
C VAL B 282 -0.68 -22.36 28.37
N ALA B 283 0.56 -22.52 28.85
CA ALA B 283 1.01 -21.88 30.07
C ALA B 283 2.52 -21.69 30.02
N GLY B 284 3.00 -20.86 30.94
CA GLY B 284 4.40 -20.51 31.05
C GLY B 284 4.56 -19.45 32.13
N GLY B 285 5.82 -19.14 32.48
CA GLY B 285 6.09 -18.22 33.56
C GLY B 285 6.62 -18.96 34.78
N SER B 286 7.76 -18.52 35.29
CA SER B 286 8.45 -19.40 36.22
C SER B 286 7.62 -19.52 37.49
N ARG B 287 6.60 -18.67 37.65
CA ARG B 287 5.74 -18.75 38.82
C ARG B 287 4.70 -19.87 38.67
N LYS B 288 4.71 -20.58 37.54
CA LYS B 288 3.63 -21.50 37.18
C LYS B 288 4.15 -22.92 36.98
N VAL B 289 5.45 -23.15 37.18
CA VAL B 289 6.07 -24.38 36.70
C VAL B 289 5.46 -25.56 37.46
N SER B 290 5.11 -25.31 38.72
CA SER B 290 4.51 -26.32 39.59
C SER B 290 3.22 -26.86 38.96
N SER B 291 2.42 -25.96 38.39
CA SER B 291 1.11 -26.32 37.86
C SER B 291 1.26 -27.09 36.55
N ILE B 292 2.33 -26.82 35.79
CA ILE B 292 2.47 -27.38 34.45
C ILE B 292 2.92 -28.83 34.55
N HIS B 293 3.85 -29.09 35.48
CA HIS B 293 4.33 -30.45 35.70
C HIS B 293 3.17 -31.35 36.10
N GLY B 294 2.38 -30.91 37.09
CA GLY B 294 1.21 -31.66 37.52
C GLY B 294 0.31 -32.04 36.34
N ALA B 295 0.07 -31.06 35.47
CA ALA B 295 -0.91 -31.17 34.39
C ALA B 295 -0.41 -32.14 33.33
N LEU B 296 0.89 -32.12 33.06
CA LEU B 296 1.44 -32.95 32.00
C LEU B 296 1.57 -34.38 32.51
N THR B 297 1.75 -34.51 33.83
CA THR B 297 1.82 -35.79 34.52
C THR B 297 0.45 -36.46 34.48
N GLY B 298 -0.61 -35.66 34.66
CA GLY B 298 -1.97 -36.12 34.46
C GLY B 298 -2.27 -36.47 33.00
N LYS B 299 -1.35 -36.08 32.11
CA LYS B 299 -1.45 -36.33 30.67
C LYS B 299 -2.75 -35.76 30.10
N TYR B 300 -3.09 -34.56 30.58
CA TYR B 300 -4.33 -33.89 30.22
C TYR B 300 -4.15 -33.13 28.91
N ALA B 301 -2.91 -32.80 28.59
CA ALA B 301 -2.61 -32.18 27.31
C ALA B 301 -1.81 -33.15 26.44
N ASN B 302 -1.98 -33.01 25.12
CA ASN B 302 -1.19 -33.74 24.15
C ASN B 302 -0.54 -32.72 23.19
N VAL B 303 -0.93 -31.45 23.33
CA VAL B 303 -0.17 -30.35 22.76
C VAL B 303 0.18 -29.35 23.87
N LEU B 304 1.45 -28.97 23.92
CA LEU B 304 1.93 -27.95 24.86
C LEU B 304 2.53 -26.77 24.12
N ILE B 305 2.06 -25.58 24.52
CA ILE B 305 2.66 -24.31 24.11
C ILE B 305 3.22 -23.61 25.34
N ILE B 306 4.55 -23.44 25.33
CA ILE B 306 5.32 -22.99 26.47
C ILE B 306 6.55 -22.22 25.98
N ASP B 307 7.02 -21.30 26.82
CA ASP B 307 8.20 -20.48 26.53
C ASP B 307 9.46 -21.27 26.87
N GLN B 308 10.62 -20.67 26.57
CA GLN B 308 11.90 -21.35 26.72
C GLN B 308 12.39 -21.25 28.16
N HIS B 309 11.94 -20.23 28.89
CA HIS B 309 12.32 -20.06 30.29
C HIS B 309 11.72 -21.20 31.10
N THR B 310 10.41 -21.37 30.95
CA THR B 310 9.66 -22.39 31.66
C THR B 310 10.01 -23.78 31.11
N ALA B 311 10.24 -23.88 29.79
CA ALA B 311 10.56 -25.14 29.13
C ALA B 311 11.91 -25.68 29.60
N ARG B 312 12.86 -24.76 29.83
CA ARG B 312 14.18 -25.05 30.36
C ARG B 312 14.04 -25.62 31.78
N ALA B 313 13.22 -24.94 32.60
CA ALA B 313 13.05 -25.31 33.99
C ALA B 313 12.39 -26.68 34.12
N LEU B 314 11.60 -27.08 33.10
CA LEU B 314 10.86 -28.33 33.13
C LEU B 314 11.77 -29.53 32.86
N VAL B 315 12.67 -29.38 31.87
CA VAL B 315 13.58 -30.44 31.49
C VAL B 315 14.73 -30.50 32.51
N ASN B 316 15.44 -29.37 32.68
CA ASN B 316 16.54 -29.25 33.61
C ASN B 316 16.02 -29.14 35.04
N ASP B 317 15.67 -30.28 35.64
CA ASP B 317 15.16 -30.33 37.00
C ASP B 317 15.17 -31.79 37.48
N THR C 6 -53.74 -5.08 -10.40
CA THR C 6 -54.34 -5.62 -11.66
C THR C 6 -53.43 -6.69 -12.24
N ASP C 7 -54.01 -7.59 -13.06
CA ASP C 7 -53.29 -8.74 -13.55
C ASP C 7 -52.46 -8.36 -14.78
N ARG C 8 -52.57 -7.11 -15.22
CA ARG C 8 -51.73 -6.62 -16.30
C ARG C 8 -51.08 -5.31 -15.89
N GLU C 9 -51.87 -4.42 -15.28
CA GLU C 9 -51.37 -3.12 -14.84
C GLU C 9 -50.16 -3.33 -13.93
N LYS C 10 -50.16 -4.45 -13.20
CA LYS C 10 -48.98 -4.87 -12.44
C LYS C 10 -47.86 -5.13 -13.43
N GLN C 11 -48.18 -5.89 -14.48
CA GLN C 11 -47.23 -6.29 -15.50
C GLN C 11 -46.53 -5.05 -16.07
N GLN C 12 -47.31 -3.99 -16.28
CA GLN C 12 -46.83 -2.76 -16.89
C GLN C 12 -46.06 -1.94 -15.86
N LEU C 13 -46.28 -2.22 -14.57
CA LEU C 13 -45.47 -1.61 -13.53
C LEU C 13 -44.23 -2.44 -13.26
N SER C 14 -44.31 -3.74 -13.55
CA SER C 14 -43.15 -4.62 -13.46
C SER C 14 -42.03 -3.99 -14.27
N ILE C 15 -42.42 -3.29 -15.33
CA ILE C 15 -41.52 -2.83 -16.37
C ILE C 15 -41.12 -1.37 -16.13
N GLU C 16 -41.85 -0.67 -15.27
CA GLU C 16 -41.43 0.66 -14.84
C GLU C 16 -40.39 0.54 -13.74
N ALA C 17 -40.45 -0.57 -12.99
CA ALA C 17 -39.52 -0.80 -11.90
C ALA C 17 -38.19 -1.31 -12.45
N ALA C 18 -38.24 -2.04 -13.56
CA ALA C 18 -37.05 -2.61 -14.17
C ALA C 18 -36.36 -1.58 -15.07
N ARG C 19 -37.06 -0.48 -15.39
CA ARG C 19 -36.44 0.60 -16.12
C ARG C 19 -35.78 1.56 -15.13
N LEU C 20 -36.22 1.52 -13.88
CA LEU C 20 -35.61 2.36 -12.85
C LEU C 20 -34.40 1.66 -12.24
N TYR C 21 -34.50 0.33 -12.06
CA TYR C 21 -33.41 -0.42 -11.47
C TYR C 21 -32.24 -0.41 -12.43
N TYR C 22 -32.45 -1.02 -13.61
CA TYR C 22 -31.34 -1.27 -14.50
C TYR C 22 -30.84 0.02 -15.15
N GLN C 23 -31.75 0.79 -15.75
CA GLN C 23 -31.36 1.95 -16.51
C GLN C 23 -30.80 3.05 -15.59
N SER C 24 -31.44 3.26 -14.43
CA SER C 24 -31.03 4.34 -13.55
C SER C 24 -30.40 3.85 -12.24
N ASP C 25 -30.34 2.52 -12.05
CA ASP C 25 -29.76 1.93 -10.85
C ASP C 25 -30.31 2.57 -9.58
N TYR C 26 -31.63 2.77 -9.54
CA TYR C 26 -32.29 3.20 -8.31
C TYR C 26 -32.24 2.05 -7.31
N SER C 27 -32.20 2.38 -6.01
CA SER C 27 -32.30 1.37 -4.97
C SER C 27 -33.73 0.86 -4.91
N GLN C 28 -33.93 -0.43 -4.62
CA GLN C 28 -35.30 -0.90 -4.52
C GLN C 28 -36.09 0.17 -3.79
N GLN C 29 -35.43 0.83 -2.85
CA GLN C 29 -36.06 1.82 -1.99
C GLN C 29 -36.40 3.09 -2.76
N GLN C 30 -35.49 3.49 -3.66
CA GLN C 30 -35.70 4.66 -4.50
C GLN C 30 -36.89 4.42 -5.42
N ILE C 31 -37.01 3.19 -5.93
CA ILE C 31 -38.14 2.83 -6.75
C ILE C 31 -39.41 2.94 -5.90
N ALA C 32 -39.30 2.49 -4.64
CA ALA C 32 -40.44 2.50 -3.74
C ALA C 32 -40.86 3.95 -3.41
N GLU C 33 -39.95 4.90 -3.63
CA GLU C 33 -40.22 6.33 -3.48
C GLU C 33 -41.14 6.85 -4.61
N GLN C 34 -40.76 6.61 -5.90
CA GLN C 34 -41.39 7.01 -7.17
C GLN C 34 -42.77 6.39 -7.39
N LEU C 35 -42.89 5.07 -7.16
CA LEU C 35 -44.15 4.36 -7.33
C LEU C 35 -45.04 4.44 -6.08
N ASN C 36 -44.54 5.09 -5.02
CA ASN C 36 -45.29 5.24 -3.77
C ASN C 36 -45.78 3.90 -3.27
N ILE C 37 -44.88 2.91 -3.19
CA ILE C 37 -45.18 1.55 -2.73
C ILE C 37 -44.12 1.10 -1.73
N SER C 38 -44.30 -0.11 -1.18
CA SER C 38 -43.37 -0.69 -0.22
C SER C 38 -42.15 -1.23 -0.95
N ARG C 39 -41.01 -1.26 -0.24
CA ARG C 39 -39.75 -1.70 -0.82
C ARG C 39 -39.83 -3.20 -1.14
N PRO C 40 -40.40 -4.05 -0.26
CA PRO C 40 -40.50 -5.49 -0.52
C PRO C 40 -41.27 -5.79 -1.80
N THR C 41 -42.35 -5.05 -2.03
CA THR C 41 -43.18 -5.21 -3.22
C THR C 41 -42.33 -5.03 -4.46
N VAL C 42 -41.51 -3.96 -4.46
CA VAL C 42 -40.69 -3.60 -5.61
C VAL C 42 -39.76 -4.77 -5.93
N SER C 43 -39.18 -5.38 -4.89
CA SER C 43 -38.28 -6.51 -5.05
C SER C 43 -39.01 -7.67 -5.72
N ARG C 44 -40.25 -7.92 -5.29
CA ARG C 44 -41.04 -9.02 -5.83
C ARG C 44 -41.35 -8.76 -7.31
N LEU C 45 -41.60 -7.49 -7.65
CA LEU C 45 -41.91 -7.10 -9.02
C LEU C 45 -40.73 -7.42 -9.92
N LEU C 46 -39.53 -7.09 -9.44
CA LEU C 46 -38.31 -7.31 -10.20
C LEU C 46 -38.14 -8.81 -10.44
N GLN C 47 -38.41 -9.62 -9.41
CA GLN C 47 -38.29 -11.06 -9.50
C GLN C 47 -39.24 -11.60 -10.55
N TYR C 48 -40.48 -11.07 -10.54
CA TYR C 48 -41.49 -11.42 -11.53
C TYR C 48 -41.03 -11.00 -12.92
N ALA C 49 -40.49 -9.77 -13.03
CA ALA C 49 -40.07 -9.17 -14.27
C ALA C 49 -39.07 -10.09 -14.98
N LYS C 50 -38.03 -10.50 -14.24
CA LYS C 50 -37.10 -11.50 -14.76
C LYS C 50 -37.85 -12.81 -14.98
N GLU C 51 -38.80 -13.08 -14.09
CA GLU C 51 -39.55 -14.32 -14.10
C GLU C 51 -40.34 -14.41 -15.41
N LYS C 52 -40.93 -13.28 -15.81
CA LYS C 52 -41.74 -13.24 -17.02
C LYS C 52 -40.83 -13.15 -18.23
N GLY C 53 -39.67 -12.53 -18.03
CA GLY C 53 -38.72 -12.29 -19.11
C GLY C 53 -38.91 -10.90 -19.70
N TYR C 54 -39.15 -9.92 -18.84
CA TYR C 54 -39.16 -8.53 -19.28
C TYR C 54 -37.72 -8.05 -19.42
N VAL C 55 -36.80 -8.72 -18.73
CA VAL C 55 -35.37 -8.48 -18.86
C VAL C 55 -34.67 -9.81 -19.09
N GLN C 56 -33.82 -9.84 -20.13
CA GLN C 56 -33.00 -11.01 -20.43
C GLN C 56 -31.54 -10.64 -20.19
N ILE C 57 -30.76 -11.61 -19.70
CA ILE C 57 -29.38 -11.37 -19.34
C ILE C 57 -28.48 -12.27 -20.18
N ARG C 58 -27.37 -11.69 -20.67
CA ARG C 58 -26.45 -12.36 -21.57
C ARG C 58 -25.02 -12.13 -21.08
N VAL C 59 -24.23 -13.22 -21.05
CA VAL C 59 -22.86 -13.15 -20.59
C VAL C 59 -21.97 -13.78 -21.65
N MET C 60 -22.15 -13.30 -22.89
CA MET C 60 -21.24 -13.64 -23.98
C MET C 60 -19.82 -13.27 -23.56
N ASP C 61 -18.90 -14.23 -23.65
CA ASP C 61 -17.48 -13.93 -23.51
C ASP C 61 -16.83 -13.98 -24.89
N PRO C 62 -15.97 -13.00 -25.24
CA PRO C 62 -15.36 -12.96 -26.57
C PRO C 62 -14.18 -13.92 -26.59
N PHE C 63 -13.73 -14.29 -25.38
CA PHE C 63 -12.62 -15.18 -25.12
C PHE C 63 -12.73 -16.43 -26.00
N GLU C 64 -13.87 -17.13 -25.87
CA GLU C 64 -14.12 -18.37 -26.59
C GLU C 64 -13.92 -18.16 -28.09
N ASP C 65 -14.59 -17.13 -28.64
CA ASP C 65 -14.53 -16.77 -30.05
C ASP C 65 -13.08 -16.66 -30.48
N LEU C 66 -12.30 -15.90 -29.70
CA LEU C 66 -10.94 -15.56 -30.08
C LEU C 66 -10.08 -16.82 -30.11
N ASP C 67 -10.29 -17.73 -29.14
CA ASP C 67 -9.59 -19.01 -29.03
C ASP C 67 -9.75 -19.77 -30.35
N ALA C 68 -11.00 -19.99 -30.74
CA ALA C 68 -11.34 -20.77 -31.91
C ALA C 68 -10.78 -20.13 -33.17
N LEU C 69 -10.87 -18.79 -33.29
CA LEU C 69 -10.47 -18.07 -34.49
C LEU C 69 -8.98 -18.29 -34.73
N GLY C 70 -8.24 -18.22 -33.61
CA GLY C 70 -6.79 -18.23 -33.60
C GLY C 70 -6.22 -19.51 -34.20
N SER C 71 -6.69 -20.66 -33.70
CA SER C 71 -6.23 -21.97 -34.15
C SER C 71 -6.34 -22.12 -35.66
N ILE C 72 -7.47 -21.68 -36.24
CA ILE C 72 -7.74 -21.73 -37.68
C ILE C 72 -6.54 -21.14 -38.41
N LEU C 73 -6.17 -19.91 -38.05
CA LEU C 73 -5.06 -19.19 -38.67
C LEU C 73 -3.80 -20.07 -38.67
N GLU C 74 -3.46 -20.63 -37.49
CA GLU C 74 -2.31 -21.52 -37.37
C GLU C 74 -2.40 -22.60 -38.45
N GLU C 75 -3.59 -23.20 -38.61
CA GLU C 75 -3.80 -24.21 -39.63
C GLU C 75 -3.78 -23.61 -41.03
N LYS C 76 -4.33 -22.39 -41.19
CA LYS C 76 -4.55 -21.76 -42.48
C LYS C 76 -3.25 -21.49 -43.23
N TYR C 77 -2.26 -20.89 -42.55
CA TYR C 77 -1.00 -20.53 -43.19
C TYR C 77 0.14 -21.36 -42.62
N GLY C 78 -0.22 -22.52 -42.03
CA GLY C 78 0.74 -23.42 -41.40
C GLY C 78 1.67 -22.70 -40.44
N LEU C 79 1.10 -21.80 -39.61
CA LEU C 79 1.85 -21.08 -38.60
C LEU C 79 2.04 -21.97 -37.37
N LEU C 80 3.10 -21.74 -36.60
CA LEU C 80 3.33 -22.50 -35.38
C LEU C 80 2.38 -22.03 -34.29
N GLU C 81 2.25 -20.70 -34.15
CA GLU C 81 1.35 -20.11 -33.18
C GLU C 81 0.61 -18.92 -33.78
N ALA C 82 -0.65 -18.78 -33.40
CA ALA C 82 -1.41 -17.60 -33.73
C ALA C 82 -2.14 -17.09 -32.49
N HIS C 83 -1.81 -15.86 -32.07
CA HIS C 83 -2.46 -15.22 -30.95
C HIS C 83 -3.35 -14.09 -31.46
N VAL C 84 -4.67 -14.27 -31.31
CA VAL C 84 -5.63 -13.22 -31.59
C VAL C 84 -5.93 -12.49 -30.27
N VAL C 85 -5.59 -11.20 -30.22
CA VAL C 85 -5.77 -10.43 -29.00
C VAL C 85 -7.01 -9.55 -29.19
N PHE C 86 -7.91 -9.55 -28.20
CA PHE C 86 -9.10 -8.71 -28.27
C PHE C 86 -8.70 -7.25 -28.12
N SER C 87 -9.23 -6.41 -29.01
CA SER C 87 -9.13 -4.97 -28.89
C SER C 87 -10.53 -4.37 -28.95
N PRO C 88 -10.85 -3.40 -28.06
CA PRO C 88 -12.21 -2.91 -27.90
C PRO C 88 -12.65 -2.09 -29.11
N THR C 89 -11.67 -1.63 -29.90
CA THR C 89 -11.96 -0.72 -31.00
C THR C 89 -11.14 -1.15 -32.22
N PRO C 90 -11.64 -0.92 -33.46
CA PRO C 90 -10.86 -1.18 -34.67
C PRO C 90 -10.06 -0.01 -35.25
N ASP C 91 -10.12 1.14 -34.59
CA ASP C 91 -9.25 2.25 -34.94
C ASP C 91 -7.82 1.90 -34.57
N TYR C 92 -6.87 2.47 -35.32
CA TYR C 92 -5.51 1.97 -35.33
C TYR C 92 -4.91 2.02 -33.93
N ALA C 93 -5.10 3.16 -33.26
CA ALA C 93 -4.52 3.45 -31.95
C ALA C 93 -4.87 2.35 -30.95
N GLY C 94 -6.17 2.10 -30.76
CA GLY C 94 -6.64 1.13 -29.78
C GLY C 94 -6.01 -0.24 -30.00
N ILE C 95 -6.01 -0.70 -31.26
CA ILE C 95 -5.40 -1.95 -31.66
C ILE C 95 -3.93 -1.95 -31.25
N THR C 96 -3.23 -0.91 -31.70
CA THR C 96 -1.83 -0.67 -31.39
C THR C 96 -1.56 -0.96 -29.92
N HIS C 97 -2.27 -0.22 -29.05
CA HIS C 97 -2.00 -0.22 -27.62
C HIS C 97 -2.10 -1.63 -27.05
N ASP C 98 -3.16 -2.35 -27.44
CA ASP C 98 -3.52 -3.62 -26.82
C ASP C 98 -2.57 -4.72 -27.31
N LEU C 99 -2.27 -4.69 -28.61
CA LEU C 99 -1.32 -5.62 -29.20
C LEU C 99 0.03 -5.44 -28.50
N SER C 100 0.41 -4.18 -28.29
CA SER C 100 1.72 -3.82 -27.75
C SER C 100 1.95 -4.54 -26.44
N ARG C 101 0.93 -4.45 -25.56
CA ARG C 101 1.02 -5.01 -24.23
C ARG C 101 1.08 -6.52 -24.29
N TYR C 102 0.36 -7.14 -25.24
CA TYR C 102 0.50 -8.58 -25.38
C TYR C 102 1.89 -8.94 -25.89
N GLY C 103 2.43 -8.15 -26.82
CA GLY C 103 3.77 -8.39 -27.32
C GLY C 103 4.78 -8.54 -26.19
N ALA C 104 4.75 -7.56 -25.28
CA ALA C 104 5.57 -7.54 -24.07
C ALA C 104 5.43 -8.85 -23.29
N GLU C 105 4.19 -9.23 -22.99
CA GLU C 105 3.93 -10.40 -22.17
C GLU C 105 4.54 -11.62 -22.86
N TYR C 106 4.28 -11.76 -24.16
CA TYR C 106 4.71 -12.95 -24.89
C TYR C 106 6.22 -13.05 -24.82
N MET C 107 6.89 -11.94 -25.11
CA MET C 107 8.35 -11.94 -25.11
C MET C 107 8.85 -12.39 -23.74
N HIS C 108 8.21 -11.87 -22.68
CA HIS C 108 8.59 -12.15 -21.31
C HIS C 108 8.50 -13.65 -21.04
N GLU C 109 7.42 -14.28 -21.52
CA GLU C 109 7.18 -15.69 -21.29
C GLU C 109 8.13 -16.54 -22.14
N THR C 110 8.51 -16.02 -23.31
CA THR C 110 9.13 -16.79 -24.39
C THR C 110 10.65 -16.86 -24.22
N VAL C 111 11.26 -15.71 -23.95
CA VAL C 111 12.71 -15.53 -23.93
C VAL C 111 13.31 -16.33 -22.78
N LYS C 112 14.28 -17.20 -23.09
CA LYS C 112 14.87 -18.09 -22.11
C LYS C 112 16.40 -17.92 -22.11
N ASP C 113 17.04 -18.43 -21.04
CA ASP C 113 18.47 -18.29 -20.86
C ASP C 113 19.19 -18.75 -22.14
N GLY C 114 20.03 -17.85 -22.68
CA GLY C 114 20.91 -18.19 -23.79
C GLY C 114 20.27 -18.00 -25.16
N ASP C 115 19.18 -17.23 -25.21
CA ASP C 115 18.57 -16.91 -26.49
C ASP C 115 19.36 -15.80 -27.16
N ILE C 116 19.40 -15.84 -28.50
CA ILE C 116 19.85 -14.74 -29.35
C ILE C 116 18.62 -14.10 -29.99
N VAL C 117 18.34 -12.85 -29.59
CA VAL C 117 17.09 -12.20 -29.94
C VAL C 117 17.34 -11.06 -30.91
N GLY C 118 16.78 -11.19 -32.11
CA GLY C 118 16.77 -10.11 -33.08
C GLY C 118 15.52 -9.24 -32.92
N VAL C 119 15.73 -7.92 -32.95
CA VAL C 119 14.64 -6.97 -32.88
C VAL C 119 14.78 -5.96 -34.03
N SER C 120 13.71 -5.18 -34.23
CA SER C 120 13.67 -4.10 -35.22
C SER C 120 13.21 -2.82 -34.53
N TRP C 121 13.07 -1.75 -35.31
CA TRP C 121 12.41 -0.57 -34.77
C TRP C 121 11.16 -0.26 -35.57
N GLY C 122 10.39 0.68 -35.03
CA GLY C 122 9.03 0.97 -35.45
C GLY C 122 8.29 1.52 -34.24
N THR C 123 7.32 2.41 -34.48
CA THR C 123 6.62 2.98 -33.34
C THR C 123 5.84 1.86 -32.65
N THR C 124 5.43 0.86 -33.44
CA THR C 124 4.96 -0.43 -32.99
C THR C 124 5.93 -1.07 -32.00
N MET C 125 7.13 -1.34 -32.51
CA MET C 125 8.15 -2.12 -31.83
C MET C 125 8.47 -1.48 -30.49
N TYR C 126 8.49 -0.13 -30.50
CA TYR C 126 8.90 0.70 -29.37
C TYR C 126 7.88 0.54 -28.24
N GLN C 127 6.60 0.43 -28.60
CA GLN C 127 5.53 0.27 -27.63
C GLN C 127 5.65 -1.07 -26.93
N ILE C 128 5.96 -2.13 -27.70
CA ILE C 128 6.18 -3.45 -27.13
C ILE C 128 7.37 -3.39 -26.19
N ALA C 129 8.41 -2.67 -26.64
CA ALA C 129 9.65 -2.47 -25.90
C ALA C 129 9.37 -1.81 -24.55
N GLN C 130 8.54 -0.77 -24.54
CA GLN C 130 8.30 -0.04 -23.31
C GLN C 130 7.51 -0.89 -22.33
N ASN C 131 6.64 -1.76 -22.85
CA ASN C 131 5.72 -2.52 -22.03
C ASN C 131 6.37 -3.84 -21.62
N MET C 132 7.61 -4.04 -22.07
CA MET C 132 8.38 -5.21 -21.71
C MET C 132 8.65 -5.24 -20.20
N GLN C 133 8.55 -6.43 -19.63
CA GLN C 133 8.78 -6.63 -18.22
C GLN C 133 10.21 -7.13 -18.00
N PRO C 134 11.00 -6.49 -17.10
CA PRO C 134 12.30 -7.02 -16.69
C PRO C 134 12.26 -8.48 -16.20
N LYS C 135 13.33 -9.25 -16.49
CA LYS C 135 13.36 -10.68 -16.22
C LYS C 135 14.76 -11.14 -15.83
N GLN C 136 14.81 -12.04 -14.83
CA GLN C 136 16.02 -12.71 -14.38
C GLN C 136 16.43 -13.78 -15.39
N VAL C 137 17.12 -13.32 -16.45
CA VAL C 137 17.56 -14.20 -17.51
C VAL C 137 19.03 -13.89 -17.81
N LYS C 138 19.75 -14.90 -18.30
CA LYS C 138 21.21 -14.83 -18.40
C LYS C 138 21.69 -15.47 -19.72
N GLY C 139 22.81 -14.98 -20.23
CA GLY C 139 23.41 -15.50 -21.46
C GLY C 139 22.66 -15.00 -22.69
N VAL C 140 21.75 -14.05 -22.49
CA VAL C 140 20.90 -13.60 -23.58
C VAL C 140 21.60 -12.45 -24.31
N GLU C 141 21.41 -12.43 -25.62
CA GLU C 141 21.95 -11.40 -26.50
C GLU C 141 20.82 -10.79 -27.32
N VAL C 142 20.92 -9.50 -27.61
CA VAL C 142 19.89 -8.74 -28.30
C VAL C 142 20.53 -7.94 -29.43
N VAL C 143 20.02 -8.10 -30.66
CA VAL C 143 20.64 -7.56 -31.86
C VAL C 143 19.65 -6.79 -32.72
N GLN C 144 20.14 -5.72 -33.36
CA GLN C 144 19.40 -4.89 -34.30
C GLN C 144 19.33 -5.62 -35.65
N LEU C 145 18.12 -5.66 -36.24
CA LEU C 145 17.89 -6.37 -37.49
C LEU C 145 17.64 -5.40 -38.65
N LYS C 146 17.42 -4.12 -38.34
CA LYS C 146 16.91 -3.14 -39.30
C LYS C 146 17.88 -1.97 -39.40
N GLY C 147 18.07 -1.45 -40.62
CA GLY C 147 18.92 -0.28 -40.85
C GLY C 147 18.32 0.98 -40.21
N GLY C 148 19.16 2.02 -40.07
CA GLY C 148 18.74 3.26 -39.44
C GLY C 148 18.68 4.45 -40.39
N ILE C 149 18.53 5.65 -39.82
CA ILE C 149 18.19 6.86 -40.56
C ILE C 149 19.29 7.89 -40.33
N SER C 150 19.34 8.91 -41.19
CA SER C 150 20.17 10.08 -40.96
C SER C 150 19.44 11.05 -40.03
N HIS C 151 18.13 11.20 -40.26
CA HIS C 151 17.35 12.28 -39.68
C HIS C 151 15.86 11.95 -39.83
N SER C 152 15.04 12.50 -38.91
CA SER C 152 13.59 12.45 -38.99
C SER C 152 12.98 13.47 -38.03
N ARG C 153 11.78 13.97 -38.37
CA ARG C 153 11.14 14.99 -37.55
C ARG C 153 10.55 14.39 -36.27
N VAL C 154 10.00 13.17 -36.34
CA VAL C 154 9.78 12.42 -35.12
C VAL C 154 10.92 11.44 -34.89
N ASN C 155 11.21 11.23 -33.61
CA ASN C 155 12.14 10.23 -33.13
C ASN C 155 11.70 8.84 -33.60
N THR C 156 12.65 8.06 -34.11
CA THR C 156 12.44 6.68 -34.53
C THR C 156 12.32 5.77 -33.31
N TYR C 157 12.88 6.24 -32.19
CA TYR C 157 12.94 5.51 -30.92
C TYR C 157 13.74 4.22 -31.11
N SER C 158 14.49 4.14 -32.20
CA SER C 158 15.25 2.97 -32.58
C SER C 158 16.20 2.59 -31.45
N ALA C 159 16.96 3.58 -30.99
CA ALA C 159 18.00 3.40 -30.00
C ALA C 159 17.40 2.81 -28.73
N GLU C 160 16.40 3.53 -28.19
CA GLU C 160 15.83 3.24 -26.89
C GLU C 160 15.12 1.90 -26.96
N THR C 161 14.56 1.59 -28.13
CA THR C 161 13.84 0.35 -28.35
C THR C 161 14.75 -0.82 -28.00
N ILE C 162 15.88 -0.90 -28.69
CA ILE C 162 16.75 -2.05 -28.52
C ILE C 162 17.41 -1.98 -27.14
N GLN C 163 17.64 -0.76 -26.63
CA GLN C 163 18.23 -0.58 -25.32
C GLN C 163 17.32 -1.19 -24.25
N LEU C 164 16.03 -0.89 -24.34
CA LEU C 164 15.11 -1.33 -23.32
C LEU C 164 15.05 -2.86 -23.32
N PHE C 165 15.08 -3.45 -24.53
CA PHE C 165 15.04 -4.90 -24.70
C PHE C 165 16.27 -5.51 -24.02
N ALA C 166 17.44 -4.92 -24.29
CA ALA C 166 18.70 -5.35 -23.71
C ALA C 166 18.63 -5.32 -22.19
N GLU C 167 18.31 -4.15 -21.63
CA GLU C 167 18.31 -3.93 -20.19
C GLU C 167 17.44 -5.00 -19.52
N ALA C 168 16.27 -5.25 -20.13
CA ALA C 168 15.26 -6.11 -19.56
C ALA C 168 15.75 -7.55 -19.51
N PHE C 169 16.75 -7.86 -20.34
CA PHE C 169 17.21 -9.24 -20.48
C PHE C 169 18.61 -9.41 -19.91
N GLN C 170 19.00 -8.51 -19.00
CA GLN C 170 20.31 -8.54 -18.40
C GLN C 170 21.35 -8.86 -19.48
N THR C 171 21.31 -8.07 -20.54
CA THR C 171 22.38 -7.97 -21.53
C THR C 171 22.47 -6.51 -21.99
N MET C 172 23.30 -6.27 -23.00
CA MET C 172 23.42 -4.94 -23.58
C MET C 172 23.25 -5.03 -25.10
N PRO C 173 23.01 -3.89 -25.79
CA PRO C 173 22.58 -3.90 -27.19
C PRO C 173 23.70 -4.11 -28.19
N ARG C 174 23.41 -4.90 -29.23
CA ARG C 174 24.26 -4.97 -30.40
C ARG C 174 23.61 -4.17 -31.52
N TYR C 175 24.11 -2.95 -31.75
CA TYR C 175 23.55 -2.10 -32.79
C TYR C 175 24.05 -2.56 -34.16
N LEU C 176 23.27 -2.20 -35.18
CA LEU C 176 23.71 -2.20 -36.56
C LEU C 176 23.98 -0.76 -36.97
N PRO C 177 25.25 -0.33 -36.97
CA PRO C 177 25.57 1.09 -37.12
C PRO C 177 25.70 1.47 -38.60
N LEU C 178 24.64 1.25 -39.37
CA LEU C 178 24.66 1.46 -40.81
C LEU C 178 23.40 2.19 -41.24
N PRO C 179 23.40 2.93 -42.38
CA PRO C 179 22.17 3.49 -42.93
C PRO C 179 21.38 2.36 -43.59
N VAL C 180 20.06 2.55 -43.72
CA VAL C 180 19.17 1.51 -44.16
C VAL C 180 19.42 1.22 -45.64
N VAL C 181 19.83 2.26 -46.37
CA VAL C 181 20.04 2.16 -47.81
C VAL C 181 21.35 2.87 -48.18
N PHE C 182 22.09 2.22 -49.09
CA PHE C 182 23.21 2.83 -49.77
C PHE C 182 22.80 3.21 -51.18
N ASP C 183 23.31 4.36 -51.64
CA ASP C 183 23.01 4.84 -52.97
C ASP C 183 23.46 3.81 -54.00
N ASN C 184 24.60 3.14 -53.71
CA ASN C 184 25.16 2.21 -54.67
C ASN C 184 25.33 0.83 -54.03
N ALA C 185 25.04 -0.19 -54.84
CA ALA C 185 24.98 -1.58 -54.41
C ALA C 185 26.37 -2.10 -54.07
N ASP C 186 27.39 -1.65 -54.82
CA ASP C 186 28.76 -2.07 -54.58
C ASP C 186 29.17 -1.64 -53.18
N VAL C 187 28.86 -0.37 -52.84
CA VAL C 187 29.14 0.19 -51.53
C VAL C 187 28.59 -0.77 -50.48
N LYS C 188 27.29 -1.09 -50.63
CA LYS C 188 26.53 -1.91 -49.70
C LYS C 188 27.24 -3.24 -49.48
N ARG C 189 27.67 -3.88 -50.57
CA ARG C 189 28.28 -5.19 -50.53
C ARG C 189 29.58 -5.11 -49.74
N MET C 190 30.33 -4.04 -49.96
CA MET C 190 31.69 -3.97 -49.45
C MET C 190 31.69 -3.67 -47.95
N VAL C 191 30.64 -2.98 -47.50
CA VAL C 191 30.39 -2.63 -46.11
C VAL C 191 30.06 -3.89 -45.30
N GLU C 192 29.16 -4.73 -45.84
CA GLU C 192 28.64 -5.89 -45.13
C GLU C 192 29.77 -6.88 -44.87
N LYS C 193 30.84 -6.74 -45.67
CA LYS C 193 31.95 -7.68 -45.62
C LYS C 193 32.96 -7.23 -44.57
N ASP C 194 32.91 -5.96 -44.14
CA ASP C 194 33.78 -5.47 -43.09
C ASP C 194 33.68 -6.39 -41.86
N ARG C 195 34.85 -6.71 -41.28
CA ARG C 195 34.95 -7.82 -40.34
C ARG C 195 34.10 -7.55 -39.09
N HIS C 196 33.97 -6.26 -38.73
CA HIS C 196 33.22 -5.87 -37.54
C HIS C 196 31.73 -5.99 -37.81
N ILE C 197 31.29 -5.34 -38.90
CA ILE C 197 29.92 -5.31 -39.37
C ILE C 197 29.38 -6.73 -39.54
N GLU C 198 30.21 -7.61 -40.13
CA GLU C 198 29.75 -8.93 -40.51
C GLU C 198 29.37 -9.76 -39.27
N ARG C 199 30.10 -9.58 -38.17
CA ARG C 199 29.79 -10.26 -36.93
C ARG C 199 28.36 -9.93 -36.50
N ILE C 200 27.95 -8.68 -36.74
CA ILE C 200 26.64 -8.19 -36.32
C ILE C 200 25.55 -8.85 -37.17
N ILE C 201 25.74 -8.89 -38.51
CA ILE C 201 24.70 -9.43 -39.38
C ILE C 201 24.58 -10.93 -39.14
N GLU C 202 25.72 -11.56 -38.83
CA GLU C 202 25.87 -13.00 -38.67
C GLU C 202 24.99 -13.57 -37.54
N MET C 203 25.04 -12.93 -36.36
CA MET C 203 24.18 -13.32 -35.24
C MET C 203 22.76 -12.83 -35.46
N GLY C 204 22.63 -11.79 -36.29
CA GLY C 204 21.36 -11.43 -36.87
C GLY C 204 20.74 -12.69 -37.47
N LYS C 205 21.57 -13.44 -38.17
CA LYS C 205 21.15 -14.69 -38.79
C LYS C 205 21.16 -15.82 -37.75
N GLN C 206 21.96 -15.66 -36.69
CA GLN C 206 22.08 -16.69 -35.66
C GLN C 206 20.87 -16.64 -34.73
N ALA C 207 20.28 -15.45 -34.63
CA ALA C 207 19.14 -15.22 -33.76
C ALA C 207 18.11 -16.34 -33.95
N ASN C 208 17.67 -16.91 -32.82
CA ASN C 208 16.65 -17.95 -32.83
C ASN C 208 15.28 -17.33 -32.55
N ILE C 209 15.28 -16.09 -32.04
CA ILE C 209 14.07 -15.29 -31.89
C ILE C 209 14.18 -14.02 -32.73
N ALA C 210 13.07 -13.66 -33.39
CA ALA C 210 12.97 -12.42 -34.15
C ALA C 210 11.60 -11.79 -33.93
N LEU C 211 11.60 -10.47 -33.69
CA LEU C 211 10.39 -9.70 -33.45
C LEU C 211 10.36 -8.50 -34.38
N PHE C 212 9.27 -8.35 -35.15
CA PHE C 212 9.17 -7.29 -36.15
C PHE C 212 7.71 -7.01 -36.46
N THR C 213 7.47 -5.87 -37.11
CA THR C 213 6.13 -5.53 -37.56
C THR C 213 6.11 -5.45 -39.09
N VAL C 214 5.03 -4.89 -39.64
CA VAL C 214 4.91 -4.61 -41.06
C VAL C 214 4.51 -3.15 -41.24
N GLY C 215 4.87 -2.56 -42.38
CA GLY C 215 4.65 -1.14 -42.58
C GLY C 215 3.89 -0.86 -43.87
N THR C 216 3.09 0.22 -43.85
CA THR C 216 2.30 0.61 -45.01
C THR C 216 3.24 1.01 -46.15
N VAL C 217 2.81 0.72 -47.38
CA VAL C 217 3.51 1.17 -48.57
C VAL C 217 2.87 2.47 -49.04
N ARG C 218 1.98 3.01 -48.18
CA ARG C 218 1.31 4.27 -48.43
C ARG C 218 2.34 5.39 -48.40
N ASP C 219 2.07 6.46 -49.15
CA ASP C 219 2.95 7.62 -49.17
C ASP C 219 3.12 8.17 -47.75
N GLU C 220 2.08 7.96 -46.92
CA GLU C 220 2.07 8.41 -45.53
C GLU C 220 3.22 7.77 -44.74
N ALA C 221 3.57 6.52 -45.07
CA ALA C 221 4.65 5.86 -44.37
C ALA C 221 5.90 6.72 -44.50
N LEU C 222 6.63 6.91 -43.39
CA LEU C 222 7.76 7.83 -43.35
C LEU C 222 8.95 7.28 -44.13
N LEU C 223 9.05 5.95 -44.22
CA LEU C 223 10.13 5.40 -45.05
C LEU C 223 10.03 6.12 -46.38
N PHE C 224 8.80 6.18 -46.90
CA PHE C 224 8.48 6.97 -48.08
C PHE C 224 8.71 8.46 -47.84
N ARG C 225 8.32 8.96 -46.66
CA ARG C 225 8.39 10.39 -46.40
C ARG C 225 9.82 10.88 -46.55
N LEU C 226 10.76 10.09 -46.01
CA LEU C 226 12.18 10.37 -46.20
C LEU C 226 12.55 10.09 -47.65
N GLY C 227 13.34 10.98 -48.26
CA GLY C 227 13.78 10.78 -49.62
C GLY C 227 15.10 10.01 -49.71
N TYR C 228 15.10 8.74 -49.26
CA TYR C 228 16.24 7.87 -49.44
C TYR C 228 16.13 7.17 -50.79
N PHE C 229 14.97 7.33 -51.44
CA PHE C 229 14.61 6.61 -52.66
C PHE C 229 14.20 7.59 -53.77
N ASN C 230 14.44 7.21 -55.03
CA ASN C 230 13.99 8.05 -56.13
C ASN C 230 12.47 8.13 -56.05
N GLU C 231 11.91 9.32 -56.28
CA GLU C 231 10.46 9.51 -56.19
C GLU C 231 9.75 8.55 -57.15
N GLU C 232 10.33 8.38 -58.35
CA GLU C 232 9.82 7.43 -59.32
C GLU C 232 9.87 6.02 -58.72
N GLU C 233 10.96 5.70 -58.04
CA GLU C 233 11.08 4.42 -57.33
C GLU C 233 9.99 4.35 -56.27
N LYS C 234 9.79 5.45 -55.53
CA LYS C 234 8.82 5.49 -54.45
C LYS C 234 7.44 5.19 -55.01
N ALA C 235 7.11 5.85 -56.13
CA ALA C 235 5.81 5.69 -56.77
C ALA C 235 5.55 4.24 -57.13
N LEU C 236 6.56 3.58 -57.75
CA LEU C 236 6.41 2.22 -58.23
C LEU C 236 6.11 1.29 -57.06
N LEU C 237 6.79 1.52 -55.93
CA LEU C 237 6.66 0.62 -54.80
C LEU C 237 5.23 0.63 -54.30
N LYS C 238 4.63 1.82 -54.20
CA LYS C 238 3.29 1.94 -53.65
C LYS C 238 2.31 1.18 -54.53
N LYS C 239 2.40 1.39 -55.85
CA LYS C 239 1.55 0.72 -56.82
C LYS C 239 1.93 -0.75 -56.92
N GLN C 240 3.24 -1.05 -56.93
CA GLN C 240 3.75 -2.36 -57.30
C GLN C 240 3.41 -3.42 -56.24
N ALA C 241 3.69 -3.12 -54.97
CA ALA C 241 3.58 -4.13 -53.92
C ALA C 241 3.32 -3.49 -52.56
N VAL C 242 2.98 -4.32 -51.57
CA VAL C 242 2.68 -3.86 -50.22
C VAL C 242 3.35 -4.78 -49.21
N GLY C 243 3.72 -4.23 -48.04
CA GLY C 243 4.34 -5.00 -46.96
C GLY C 243 5.77 -4.54 -46.67
N ASP C 244 5.97 -4.01 -45.45
CA ASP C 244 7.29 -3.57 -45.02
C ASP C 244 7.81 -4.48 -43.91
N ILE C 245 9.02 -5.05 -44.09
CA ILE C 245 9.68 -5.85 -43.05
C ILE C 245 11.17 -5.52 -43.06
N CYS C 246 11.69 -5.07 -41.91
CA CYS C 246 13.07 -4.65 -41.80
C CYS C 246 13.44 -3.74 -42.97
N SER C 247 12.52 -2.82 -43.30
CA SER C 247 12.68 -1.90 -44.42
C SER C 247 12.80 -2.66 -45.75
N ARG C 248 12.08 -3.78 -45.87
CA ARG C 248 12.02 -4.52 -47.12
C ARG C 248 10.56 -4.62 -47.58
N PHE C 249 10.30 -4.29 -48.85
CA PHE C 249 8.97 -4.39 -49.44
C PHE C 249 8.85 -5.68 -50.24
N PHE C 250 7.69 -6.34 -50.16
CA PHE C 250 7.49 -7.63 -50.80
C PHE C 250 6.15 -7.65 -51.54
N ASP C 251 6.06 -8.46 -52.60
CA ASP C 251 4.81 -8.67 -53.32
C ASP C 251 3.89 -9.58 -52.50
N ALA C 252 2.62 -9.63 -52.87
CA ALA C 252 1.62 -10.43 -52.17
C ALA C 252 2.07 -11.88 -52.10
N LYS C 253 2.69 -12.36 -53.19
CA LYS C 253 3.26 -13.70 -53.24
C LYS C 253 4.44 -13.82 -52.29
N GLY C 254 4.96 -12.66 -51.84
CA GLY C 254 6.05 -12.63 -50.89
C GLY C 254 7.41 -12.58 -51.58
N ASN C 255 7.42 -12.68 -52.92
CA ASN C 255 8.63 -12.45 -53.69
C ASN C 255 9.01 -10.98 -53.55
N ILE C 256 10.31 -10.67 -53.52
CA ILE C 256 10.76 -9.31 -53.29
C ILE C 256 10.28 -8.43 -54.43
N CYS C 257 9.75 -7.24 -54.09
CA CYS C 257 9.15 -6.34 -55.08
C CYS C 257 10.18 -6.01 -56.15
N SER C 258 11.17 -5.20 -55.79
CA SER C 258 12.27 -4.85 -56.67
C SER C 258 13.55 -5.53 -56.20
N SER C 259 14.22 -6.27 -57.09
CA SER C 259 15.41 -7.03 -56.74
C SER C 259 16.53 -6.09 -56.30
N ALA C 260 16.71 -4.98 -57.02
CA ALA C 260 17.82 -4.07 -56.81
C ALA C 260 17.76 -3.47 -55.41
N ILE C 261 16.58 -3.01 -55.02
CA ILE C 261 16.44 -2.31 -53.75
C ILE C 261 16.79 -3.24 -52.58
N ASN C 262 16.33 -4.50 -52.64
CA ASN C 262 16.67 -5.49 -51.63
C ASN C 262 18.19 -5.65 -51.58
N ASP C 263 18.81 -5.59 -52.76
CA ASP C 263 20.24 -5.77 -52.92
C ASP C 263 21.04 -4.69 -52.17
N ARG C 264 20.58 -3.43 -52.19
CA ARG C 264 21.31 -2.31 -51.60
C ARG C 264 20.65 -1.81 -50.32
N THR C 265 19.73 -2.62 -49.76
CA THR C 265 19.07 -2.25 -48.52
C THR C 265 19.72 -3.01 -47.37
N ILE C 266 20.27 -2.28 -46.40
CA ILE C 266 20.95 -2.86 -45.26
C ILE C 266 19.92 -3.54 -44.36
N GLY C 267 20.32 -4.68 -43.77
CA GLY C 267 19.50 -5.43 -42.86
C GLY C 267 19.70 -6.93 -43.02
N VAL C 268 19.06 -7.73 -42.15
CA VAL C 268 19.09 -9.17 -42.27
C VAL C 268 18.22 -9.57 -43.47
N GLU C 269 18.59 -10.66 -44.14
CA GLU C 269 17.87 -11.15 -45.30
C GLU C 269 16.51 -11.71 -44.86
N LEU C 270 15.47 -11.42 -45.64
CA LEU C 270 14.13 -11.90 -45.34
C LEU C 270 14.15 -13.42 -45.31
N GLN C 271 14.95 -14.01 -46.20
CA GLN C 271 15.08 -15.45 -46.28
C GLN C 271 15.40 -15.97 -44.88
N ASP C 272 16.25 -15.23 -44.19
CA ASP C 272 16.72 -15.61 -42.86
C ASP C 272 15.53 -15.83 -41.93
N LEU C 273 14.50 -14.98 -42.05
CA LEU C 273 13.41 -14.94 -41.10
C LEU C 273 12.64 -16.27 -41.05
N ARG C 274 12.41 -16.88 -42.22
CA ARG C 274 11.72 -18.16 -42.28
C ARG C 274 12.54 -19.22 -41.52
N LEU C 275 13.87 -19.11 -41.60
CA LEU C 275 14.79 -20.06 -41.00
C LEU C 275 14.66 -20.02 -39.48
N LYS C 276 14.41 -18.84 -38.92
CA LYS C 276 14.46 -18.63 -37.48
C LYS C 276 13.52 -19.62 -36.76
N GLU C 277 13.97 -20.10 -35.59
CA GLU C 277 13.17 -21.03 -34.80
C GLU C 277 11.82 -20.40 -34.48
N ARG C 278 11.84 -19.16 -33.97
CA ARG C 278 10.62 -18.41 -33.72
C ARG C 278 10.69 -17.05 -34.41
N SER C 279 9.64 -16.70 -35.15
CA SER C 279 9.53 -15.39 -35.77
C SER C 279 8.19 -14.77 -35.38
N ILE C 280 8.22 -13.55 -34.84
CA ILE C 280 7.00 -12.95 -34.32
C ILE C 280 6.72 -11.67 -35.12
N LEU C 281 5.50 -11.57 -35.67
CA LEU C 281 5.06 -10.36 -36.33
C LEU C 281 3.88 -9.76 -35.57
N VAL C 282 3.96 -8.47 -35.24
CA VAL C 282 2.93 -7.82 -34.47
C VAL C 282 2.45 -6.58 -35.22
N ALA C 283 1.43 -6.74 -36.07
CA ALA C 283 0.81 -5.63 -36.77
C ALA C 283 -0.72 -5.80 -36.76
N GLY C 284 -1.44 -4.68 -36.76
CA GLY C 284 -2.91 -4.69 -36.79
C GLY C 284 -3.47 -3.49 -37.57
N GLY C 285 -4.71 -3.60 -38.02
CA GLY C 285 -5.42 -2.48 -38.62
C GLY C 285 -5.58 -2.59 -40.13
N SER C 286 -6.49 -1.77 -40.67
CA SER C 286 -6.78 -1.77 -42.10
C SER C 286 -5.52 -1.43 -42.88
N ARG C 287 -4.75 -0.47 -42.37
CA ARG C 287 -3.55 0.03 -43.03
C ARG C 287 -2.66 -1.15 -43.46
N LYS C 288 -2.32 -2.03 -42.51
CA LYS C 288 -1.39 -3.12 -42.72
C LYS C 288 -2.10 -4.42 -43.11
N VAL C 289 -3.44 -4.36 -43.24
CA VAL C 289 -4.22 -5.55 -43.54
C VAL C 289 -3.69 -6.19 -44.83
N SER C 290 -3.49 -5.36 -45.84
CA SER C 290 -2.82 -5.79 -47.06
C SER C 290 -1.45 -6.36 -46.70
N SER C 291 -0.62 -5.51 -46.10
CA SER C 291 0.70 -5.83 -45.61
C SER C 291 0.81 -7.25 -45.05
N ILE C 292 -0.05 -7.58 -44.07
CA ILE C 292 0.08 -8.78 -43.25
C ILE C 292 -0.11 -10.04 -44.09
N HIS C 293 -1.07 -9.99 -45.02
CA HIS C 293 -1.33 -11.12 -45.91
C HIS C 293 -0.07 -11.43 -46.72
N GLY C 294 0.53 -10.41 -47.33
CA GLY C 294 1.75 -10.59 -48.08
C GLY C 294 2.81 -11.31 -47.24
N ALA C 295 2.93 -10.89 -45.98
CA ALA C 295 4.00 -11.34 -45.10
C ALA C 295 3.78 -12.80 -44.69
N LEU C 296 2.52 -13.17 -44.48
CA LEU C 296 2.21 -14.52 -44.03
C LEU C 296 2.31 -15.49 -45.19
N THR C 297 2.05 -14.96 -46.40
CA THR C 297 2.15 -15.68 -47.66
C THR C 297 3.62 -16.00 -47.95
N GLY C 298 4.49 -15.02 -47.65
CA GLY C 298 5.93 -15.25 -47.70
C GLY C 298 6.40 -16.21 -46.60
N LYS C 299 5.49 -16.52 -45.65
CA LYS C 299 5.75 -17.42 -44.53
C LYS C 299 6.99 -16.97 -43.76
N TYR C 300 7.08 -15.66 -43.53
CA TYR C 300 8.22 -15.03 -42.88
C TYR C 300 8.08 -15.14 -41.37
N ALA C 301 6.84 -15.32 -40.90
CA ALA C 301 6.59 -15.53 -39.49
C ALA C 301 6.08 -16.96 -39.27
N ASN C 302 6.33 -17.46 -38.04
CA ASN C 302 5.76 -18.71 -37.59
C ASN C 302 4.98 -18.48 -36.29
N VAL C 303 5.10 -17.26 -35.75
CA VAL C 303 4.21 -16.79 -34.70
C VAL C 303 3.59 -15.47 -35.16
N LEU C 304 2.26 -15.39 -35.06
CA LEU C 304 1.53 -14.16 -35.36
C LEU C 304 0.77 -13.67 -34.13
N ILE C 305 0.97 -12.39 -33.84
CA ILE C 305 0.19 -11.67 -32.86
C ILE C 305 -0.58 -10.56 -33.56
N ILE C 306 -1.92 -10.70 -33.51
CA ILE C 306 -2.85 -9.89 -34.29
C ILE C 306 -4.15 -9.74 -33.50
N ASP C 307 -4.87 -8.65 -33.80
CA ASP C 307 -6.15 -8.35 -33.17
C ASP C 307 -7.25 -9.12 -33.90
N GLN C 308 -8.48 -9.01 -33.38
CA GLN C 308 -9.61 -9.77 -33.89
C GLN C 308 -10.23 -9.07 -35.09
N HIS C 309 -10.03 -7.75 -35.20
CA HIS C 309 -10.54 -6.99 -36.33
C HIS C 309 -9.81 -7.44 -37.59
N THR C 310 -8.47 -7.44 -37.53
CA THR C 310 -7.64 -7.78 -38.67
C THR C 310 -7.66 -9.29 -38.95
N ALA C 311 -7.74 -10.10 -37.87
CA ALA C 311 -7.63 -11.55 -37.98
C ALA C 311 -8.77 -12.15 -38.81
N ARG C 312 -10.00 -11.66 -38.60
CA ARG C 312 -11.17 -12.16 -39.30
C ARG C 312 -11.10 -11.78 -40.79
N ALA C 313 -10.56 -10.58 -41.07
CA ALA C 313 -10.37 -10.13 -42.43
C ALA C 313 -9.42 -11.07 -43.17
N LEU C 314 -8.39 -11.58 -42.47
CA LEU C 314 -7.35 -12.42 -43.05
C LEU C 314 -7.87 -13.79 -43.49
N VAL C 315 -8.71 -14.44 -42.66
CA VAL C 315 -9.31 -15.74 -42.97
C VAL C 315 -10.42 -15.56 -44.02
N ASN C 316 -11.08 -14.39 -44.00
CA ASN C 316 -12.01 -14.06 -45.07
C ASN C 316 -11.22 -14.10 -46.38
N ASP C 317 -10.01 -13.53 -46.33
CA ASP C 317 -9.09 -13.56 -47.46
C ASP C 317 -8.70 -15.02 -47.75
N THR D 6 -1.97 -11.83 -15.73
CA THR D 6 -1.85 -10.50 -16.40
C THR D 6 -3.21 -9.82 -16.42
N ASP D 7 -3.44 -8.99 -17.45
CA ASP D 7 -4.69 -8.26 -17.62
C ASP D 7 -5.79 -9.20 -18.12
N ARG D 8 -5.38 -10.33 -18.71
CA ARG D 8 -6.30 -11.34 -19.21
C ARG D 8 -6.88 -12.13 -18.05
N GLU D 9 -6.03 -12.92 -17.36
CA GLU D 9 -6.47 -13.82 -16.30
C GLU D 9 -7.76 -13.34 -15.65
N LYS D 10 -7.78 -12.08 -15.21
CA LYS D 10 -8.85 -11.54 -14.37
C LYS D 10 -10.13 -11.30 -15.16
N GLN D 11 -9.98 -10.89 -16.42
CA GLN D 11 -11.12 -10.70 -17.31
C GLN D 11 -11.83 -12.03 -17.51
N GLN D 12 -11.03 -13.09 -17.73
CA GLN D 12 -11.54 -14.45 -17.92
C GLN D 12 -12.17 -14.96 -16.63
N LEU D 13 -11.44 -14.85 -15.51
CA LEU D 13 -11.92 -15.31 -14.22
C LEU D 13 -13.19 -14.56 -13.81
N SER D 14 -13.22 -13.23 -14.05
CA SER D 14 -14.35 -12.42 -13.63
C SER D 14 -15.65 -12.89 -14.30
N ILE D 15 -15.56 -13.38 -15.53
CA ILE D 15 -16.72 -13.91 -16.23
C ILE D 15 -17.02 -15.33 -15.75
N GLU D 16 -15.97 -16.11 -15.45
CA GLU D 16 -16.20 -17.43 -14.88
C GLU D 16 -16.93 -17.29 -13.56
N ALA D 17 -17.07 -16.04 -13.08
CA ALA D 17 -17.81 -15.78 -11.85
C ALA D 17 -19.17 -15.18 -12.17
N ALA D 18 -19.22 -14.28 -13.16
CA ALA D 18 -20.47 -13.62 -13.50
C ALA D 18 -21.38 -14.63 -14.20
N ARG D 19 -20.80 -15.45 -15.07
CA ARG D 19 -21.52 -16.50 -15.77
C ARG D 19 -22.16 -17.43 -14.74
N LEU D 20 -21.35 -17.86 -13.77
CA LEU D 20 -21.80 -18.74 -12.69
C LEU D 20 -22.95 -18.08 -11.92
N TYR D 21 -22.80 -16.78 -11.63
CA TYR D 21 -23.75 -16.05 -10.81
C TYR D 21 -25.14 -16.04 -11.44
N TYR D 22 -25.22 -15.61 -12.71
CA TYR D 22 -26.49 -15.40 -13.38
C TYR D 22 -27.03 -16.70 -13.98
N GLN D 23 -26.15 -17.46 -14.66
CA GLN D 23 -26.59 -18.57 -15.50
C GLN D 23 -27.01 -19.78 -14.67
N SER D 24 -26.18 -20.19 -13.69
CA SER D 24 -26.53 -21.25 -12.77
C SER D 24 -27.07 -20.63 -11.48
N ASP D 25 -27.22 -19.31 -11.53
CA ASP D 25 -27.78 -18.51 -10.45
C ASP D 25 -27.22 -18.97 -9.11
N TYR D 26 -25.93 -18.69 -8.87
CA TYR D 26 -25.21 -19.12 -7.68
C TYR D 26 -25.01 -17.91 -6.79
N SER D 27 -25.03 -18.09 -5.46
CA SER D 27 -24.78 -16.96 -4.58
C SER D 27 -23.36 -16.47 -4.80
N GLN D 28 -23.10 -15.16 -4.61
CA GLN D 28 -21.75 -14.66 -4.80
C GLN D 28 -20.89 -15.07 -3.59
N GLN D 29 -21.58 -15.44 -2.50
CA GLN D 29 -20.92 -16.13 -1.41
C GLN D 29 -20.59 -17.54 -1.87
N GLN D 30 -21.55 -18.17 -2.56
CA GLN D 30 -21.38 -19.50 -3.13
C GLN D 30 -20.26 -19.50 -4.18
N ILE D 31 -20.17 -18.40 -4.95
CA ILE D 31 -19.13 -18.25 -5.95
C ILE D 31 -17.82 -18.12 -5.19
N ALA D 32 -17.89 -17.40 -4.08
CA ALA D 32 -16.73 -17.24 -3.24
C ALA D 32 -16.32 -18.62 -2.70
N GLU D 33 -17.27 -19.56 -2.67
CA GLU D 33 -17.00 -20.91 -2.18
C GLU D 33 -16.14 -21.68 -3.18
N GLN D 34 -16.62 -21.76 -4.43
CA GLN D 34 -15.99 -22.53 -5.50
C GLN D 34 -14.67 -21.92 -5.96
N LEU D 35 -14.59 -20.58 -5.95
CA LEU D 35 -13.38 -19.88 -6.39
C LEU D 35 -12.41 -19.70 -5.23
N ASN D 36 -12.85 -20.08 -4.02
CA ASN D 36 -12.03 -20.01 -2.83
C ASN D 36 -11.47 -18.60 -2.64
N ILE D 37 -12.36 -17.59 -2.68
CA ILE D 37 -11.99 -16.19 -2.52
C ILE D 37 -12.96 -15.51 -1.55
N SER D 38 -12.70 -14.22 -1.27
CA SER D 38 -13.50 -13.45 -0.34
C SER D 38 -14.79 -13.01 -1.02
N ARG D 39 -15.84 -12.79 -0.20
CA ARG D 39 -17.16 -12.40 -0.70
C ARG D 39 -17.07 -11.02 -1.36
N PRO D 40 -16.39 -10.04 -0.72
CA PRO D 40 -16.26 -8.69 -1.26
C PRO D 40 -15.64 -8.68 -2.65
N THR D 41 -14.58 -9.48 -2.83
CA THR D 41 -13.87 -9.56 -4.09
C THR D 41 -14.83 -9.96 -5.20
N VAL D 42 -15.67 -10.97 -4.93
CA VAL D 42 -16.57 -11.53 -5.93
C VAL D 42 -17.48 -10.43 -6.46
N SER D 43 -18.03 -9.61 -5.54
CA SER D 43 -18.94 -8.53 -5.90
C SER D 43 -18.23 -7.49 -6.78
N ARG D 44 -16.96 -7.21 -6.45
CA ARG D 44 -16.15 -6.27 -7.22
C ARG D 44 -15.96 -6.80 -8.63
N LEU D 45 -15.76 -8.12 -8.75
CA LEU D 45 -15.59 -8.75 -10.05
C LEU D 45 -16.85 -8.61 -10.89
N LEU D 46 -18.02 -8.80 -10.25
CA LEU D 46 -19.29 -8.68 -10.93
C LEU D 46 -19.49 -7.25 -11.42
N GLN D 47 -19.10 -6.27 -10.59
CA GLN D 47 -19.22 -4.87 -10.92
C GLN D 47 -18.35 -4.56 -12.13
N TYR D 48 -17.15 -5.15 -12.16
CA TYR D 48 -16.20 -4.97 -13.26
C TYR D 48 -16.76 -5.58 -14.53
N ALA D 49 -17.26 -6.83 -14.43
CA ALA D 49 -17.83 -7.56 -15.54
C ALA D 49 -18.92 -6.71 -16.21
N LYS D 50 -19.85 -6.18 -15.41
CA LYS D 50 -20.85 -5.27 -15.94
C LYS D 50 -20.15 -4.04 -16.49
N GLU D 51 -19.06 -3.63 -15.81
CA GLU D 51 -18.30 -2.42 -16.13
C GLU D 51 -17.69 -2.57 -17.52
N LYS D 52 -17.14 -3.74 -17.80
CA LYS D 52 -16.47 -3.98 -19.07
C LYS D 52 -17.50 -4.26 -20.14
N GLY D 53 -18.65 -4.81 -19.72
CA GLY D 53 -19.71 -5.19 -20.64
C GLY D 53 -19.63 -6.66 -20.99
N TYR D 54 -19.24 -7.49 -20.01
CA TYR D 54 -19.30 -8.92 -20.15
C TYR D 54 -20.74 -9.36 -19.88
N VAL D 55 -21.43 -8.49 -19.12
CA VAL D 55 -22.79 -8.75 -18.66
C VAL D 55 -23.71 -7.67 -19.23
N GLN D 56 -24.59 -8.09 -20.16
CA GLN D 56 -25.55 -7.23 -20.82
C GLN D 56 -26.97 -7.68 -20.46
N ILE D 57 -27.78 -6.71 -20.01
CA ILE D 57 -29.17 -6.96 -19.65
C ILE D 57 -30.02 -5.86 -20.25
N ARG D 58 -30.84 -6.19 -21.26
CA ARG D 58 -31.73 -5.23 -21.90
C ARG D 58 -33.15 -5.48 -21.39
N VAL D 59 -34.01 -4.46 -21.49
CA VAL D 59 -35.39 -4.53 -21.05
C VAL D 59 -36.29 -4.63 -22.28
N MET D 60 -36.87 -5.81 -22.52
CA MET D 60 -37.80 -6.03 -23.62
C MET D 60 -39.22 -5.75 -23.11
N ASP D 61 -40.08 -5.13 -23.95
CA ASP D 61 -41.40 -4.70 -23.50
C ASP D 61 -42.48 -5.29 -24.40
N PRO D 62 -43.47 -6.06 -23.87
CA PRO D 62 -44.63 -6.45 -24.67
C PRO D 62 -45.30 -5.15 -25.11
N PHE D 63 -45.77 -4.37 -24.13
CA PHE D 63 -46.18 -3.01 -24.42
C PHE D 63 -45.05 -2.36 -25.20
N GLU D 64 -45.41 -1.53 -26.19
CA GLU D 64 -44.39 -0.83 -26.94
C GLU D 64 -44.16 0.54 -26.31
N ASP D 65 -43.12 0.66 -25.49
CA ASP D 65 -42.74 1.93 -24.91
C ASP D 65 -41.26 2.16 -25.21
N LEU D 66 -40.93 3.39 -25.67
CA LEU D 66 -39.57 3.72 -26.05
C LEU D 66 -39.23 3.04 -27.37
N ASP D 67 -39.27 1.71 -27.37
CA ASP D 67 -38.87 0.92 -28.52
C ASP D 67 -39.69 1.31 -29.75
N ALA D 68 -41.01 1.31 -29.60
CA ALA D 68 -41.89 1.63 -30.71
C ALA D 68 -41.78 3.11 -31.07
N LEU D 69 -41.76 3.98 -30.05
CA LEU D 69 -41.73 5.40 -30.32
C LEU D 69 -40.45 5.69 -31.11
N GLY D 70 -40.55 6.61 -32.07
CA GLY D 70 -39.42 6.91 -32.96
C GLY D 70 -39.38 5.99 -34.18
N SER D 71 -40.35 5.08 -34.25
CA SER D 71 -40.58 4.30 -35.45
C SER D 71 -41.88 4.75 -36.08
N ILE D 72 -42.87 5.05 -35.22
CA ILE D 72 -44.16 5.60 -35.61
C ILE D 72 -44.11 7.11 -35.46
N LEU D 73 -43.30 7.57 -34.50
CA LEU D 73 -43.15 8.98 -34.23
C LEU D 73 -42.57 9.69 -35.45
N GLU D 74 -41.58 9.06 -36.09
CA GLU D 74 -40.95 9.58 -37.30
C GLU D 74 -41.87 9.40 -38.51
N GLU D 75 -42.73 8.36 -38.44
CA GLU D 75 -43.74 8.12 -39.46
C GLU D 75 -44.83 9.17 -39.29
N LYS D 76 -45.17 9.45 -38.03
CA LYS D 76 -46.17 10.45 -37.68
C LYS D 76 -45.70 11.83 -38.11
N TYR D 77 -44.48 12.22 -37.71
CA TYR D 77 -43.93 13.54 -38.00
C TYR D 77 -43.04 13.55 -39.24
N GLY D 78 -42.92 12.40 -39.91
CA GLY D 78 -42.12 12.27 -41.13
C GLY D 78 -40.65 12.66 -40.91
N LEU D 79 -40.11 12.27 -39.75
CA LEU D 79 -38.71 12.57 -39.45
C LEU D 79 -37.85 11.42 -39.94
N LEU D 80 -36.55 11.68 -40.13
CA LEU D 80 -35.66 10.62 -40.59
C LEU D 80 -35.27 9.74 -39.40
N GLU D 81 -34.97 10.37 -38.26
CA GLU D 81 -34.61 9.64 -37.06
C GLU D 81 -35.33 10.26 -35.86
N ALA D 82 -35.78 9.40 -34.95
CA ALA D 82 -36.32 9.85 -33.67
C ALA D 82 -35.73 9.00 -32.55
N HIS D 83 -35.02 9.69 -31.63
CA HIS D 83 -34.40 9.02 -30.52
C HIS D 83 -35.13 9.41 -29.23
N VAL D 84 -35.81 8.43 -28.63
CA VAL D 84 -36.45 8.61 -27.35
C VAL D 84 -35.48 8.14 -26.27
N VAL D 85 -35.09 9.05 -25.38
CA VAL D 85 -34.13 8.72 -24.34
C VAL D 85 -34.90 8.53 -23.03
N PHE D 86 -34.64 7.43 -22.31
CA PHE D 86 -35.31 7.22 -21.03
C PHE D 86 -34.76 8.21 -20.01
N SER D 87 -35.67 8.87 -19.28
CA SER D 87 -35.30 9.69 -18.14
C SER D 87 -36.12 9.25 -16.93
N PRO D 88 -35.47 9.06 -15.76
CA PRO D 88 -36.14 8.43 -14.62
C PRO D 88 -37.11 9.42 -13.98
N THR D 89 -37.02 10.69 -14.40
CA THR D 89 -37.80 11.75 -13.79
C THR D 89 -38.40 12.64 -14.87
N PRO D 90 -39.62 13.18 -14.66
CA PRO D 90 -40.21 14.15 -15.59
C PRO D 90 -39.99 15.63 -15.28
N ASP D 91 -39.31 15.93 -14.16
CA ASP D 91 -38.97 17.33 -13.92
C ASP D 91 -37.90 17.77 -14.91
N TYR D 92 -37.86 19.07 -15.21
CA TYR D 92 -37.20 19.59 -16.38
C TYR D 92 -35.73 19.20 -16.34
N ALA D 93 -35.14 19.41 -15.16
CA ALA D 93 -33.74 19.20 -14.89
C ALA D 93 -33.30 17.80 -15.33
N GLY D 94 -33.92 16.78 -14.72
CA GLY D 94 -33.57 15.39 -14.97
C GLY D 94 -33.61 15.03 -16.45
N ILE D 95 -34.67 15.46 -17.13
CA ILE D 95 -34.83 15.28 -18.57
C ILE D 95 -33.65 15.93 -19.27
N THR D 96 -33.45 17.21 -18.97
CA THR D 96 -32.38 18.03 -19.52
C THR D 96 -31.08 17.23 -19.51
N HIS D 97 -30.70 16.77 -18.30
CA HIS D 97 -29.40 16.17 -18.07
C HIS D 97 -29.22 14.95 -18.98
N ASP D 98 -30.26 14.10 -19.07
CA ASP D 98 -30.15 12.81 -19.72
C ASP D 98 -30.13 13.00 -21.24
N LEU D 99 -30.99 13.90 -21.72
CA LEU D 99 -31.02 14.24 -23.13
C LEU D 99 -29.64 14.76 -23.54
N SER D 100 -29.09 15.64 -22.70
CA SER D 100 -27.86 16.33 -23.01
C SER D 100 -26.76 15.33 -23.33
N ARG D 101 -26.64 14.33 -22.46
CA ARG D 101 -25.60 13.32 -22.54
C ARG D 101 -25.80 12.47 -23.79
N TYR D 102 -27.05 12.19 -24.14
CA TYR D 102 -27.28 11.47 -25.39
C TYR D 102 -26.93 12.34 -26.58
N GLY D 103 -27.23 13.64 -26.50
CA GLY D 103 -26.89 14.58 -27.57
C GLY D 103 -25.41 14.51 -27.92
N ALA D 104 -24.58 14.56 -26.87
CA ALA D 104 -23.14 14.43 -26.96
C ALA D 104 -22.76 13.18 -27.75
N GLU D 105 -23.29 12.03 -27.33
CA GLU D 105 -22.89 10.77 -27.94
C GLU D 105 -23.27 10.78 -29.43
N TYR D 106 -24.48 11.24 -29.72
CA TYR D 106 -24.95 11.23 -31.10
C TYR D 106 -24.00 12.06 -31.96
N MET D 107 -23.69 13.26 -31.49
CA MET D 107 -22.82 14.14 -32.25
C MET D 107 -21.48 13.44 -32.51
N HIS D 108 -20.95 12.77 -31.47
CA HIS D 108 -19.67 12.08 -31.53
C HIS D 108 -19.71 11.01 -32.63
N GLU D 109 -20.81 10.27 -32.69
CA GLU D 109 -20.96 9.18 -33.65
C GLU D 109 -21.21 9.73 -35.05
N THR D 110 -21.81 10.93 -35.15
CA THR D 110 -22.39 11.45 -36.37
C THR D 110 -21.37 12.24 -37.19
N VAL D 111 -20.63 13.13 -36.51
CA VAL D 111 -19.79 14.13 -37.14
C VAL D 111 -18.59 13.45 -37.81
N LYS D 112 -18.41 13.71 -39.11
CA LYS D 112 -17.42 13.01 -39.93
C LYS D 112 -16.43 14.00 -40.55
N ASP D 113 -15.29 13.46 -41.02
CA ASP D 113 -14.25 14.31 -41.59
C ASP D 113 -14.86 15.20 -42.66
N GLY D 114 -14.69 16.52 -42.51
CA GLY D 114 -15.06 17.47 -43.52
C GLY D 114 -16.50 17.95 -43.40
N ASP D 115 -17.11 17.74 -42.22
CA ASP D 115 -18.45 18.27 -41.97
C ASP D 115 -18.32 19.77 -41.66
N ILE D 116 -19.33 20.55 -42.07
CA ILE D 116 -19.54 21.88 -41.53
C ILE D 116 -20.75 21.84 -40.60
N VAL D 117 -20.51 22.16 -39.32
CA VAL D 117 -21.48 21.96 -38.27
C VAL D 117 -21.96 23.32 -37.77
N GLY D 118 -23.27 23.56 -37.91
CA GLY D 118 -23.89 24.73 -37.33
C GLY D 118 -24.43 24.42 -35.94
N VAL D 119 -24.15 25.32 -34.99
CA VAL D 119 -24.66 25.16 -33.64
C VAL D 119 -25.31 26.46 -33.20
N SER D 120 -26.02 26.40 -32.06
CA SER D 120 -26.66 27.54 -31.43
C SER D 120 -26.22 27.62 -29.98
N TRP D 121 -26.74 28.58 -29.23
CA TRP D 121 -26.50 28.55 -27.80
C TRP D 121 -27.82 28.41 -27.06
N GLY D 122 -27.71 28.21 -25.76
CA GLY D 122 -28.82 27.80 -24.92
C GLY D 122 -28.25 26.90 -23.84
N THR D 123 -28.84 26.94 -22.64
CA THR D 123 -28.27 26.20 -21.54
C THR D 123 -28.43 24.70 -21.83
N THR D 124 -29.46 24.37 -22.60
CA THR D 124 -29.58 23.06 -23.24
C THR D 124 -28.33 22.77 -24.05
N MET D 125 -28.05 23.64 -25.03
CA MET D 125 -27.00 23.45 -26.02
C MET D 125 -25.66 23.25 -25.31
N TYR D 126 -25.45 24.06 -24.27
CA TYR D 126 -24.21 24.13 -23.52
C TYR D 126 -24.01 22.79 -22.80
N GLN D 127 -25.11 22.20 -22.33
CA GLN D 127 -25.09 20.93 -21.64
C GLN D 127 -24.56 19.84 -22.58
N ILE D 128 -25.06 19.82 -23.83
CA ILE D 128 -24.63 18.85 -24.83
C ILE D 128 -23.16 19.10 -25.16
N ALA D 129 -22.78 20.38 -25.26
CA ALA D 129 -21.44 20.82 -25.57
C ALA D 129 -20.44 20.28 -24.55
N GLN D 130 -20.79 20.37 -23.26
CA GLN D 130 -19.88 19.95 -22.21
C GLN D 130 -19.69 18.44 -22.24
N ASN D 131 -20.74 17.71 -22.59
CA ASN D 131 -20.71 16.26 -22.51
C ASN D 131 -20.24 15.69 -23.85
N MET D 132 -19.83 16.59 -24.74
CA MET D 132 -19.25 16.22 -26.01
C MET D 132 -18.00 15.38 -25.79
N GLN D 133 -17.85 14.35 -26.63
CA GLN D 133 -16.68 13.51 -26.62
C GLN D 133 -15.70 14.00 -27.67
N PRO D 134 -14.43 14.33 -27.30
CA PRO D 134 -13.41 14.65 -28.31
C PRO D 134 -13.18 13.53 -29.33
N LYS D 135 -12.89 13.92 -30.57
CA LYS D 135 -12.76 12.99 -31.67
C LYS D 135 -11.66 13.42 -32.65
N GLN D 136 -10.92 12.42 -33.15
CA GLN D 136 -9.83 12.63 -34.10
C GLN D 136 -10.41 12.83 -35.49
N VAL D 137 -10.86 14.06 -35.74
CA VAL D 137 -11.57 14.37 -36.96
C VAL D 137 -10.94 15.63 -37.57
N LYS D 138 -10.98 15.73 -38.90
CA LYS D 138 -10.19 16.72 -39.62
C LYS D 138 -11.04 17.34 -40.72
N GLY D 139 -10.72 18.60 -41.05
CA GLY D 139 -11.42 19.34 -42.08
C GLY D 139 -12.78 19.84 -41.61
N VAL D 140 -13.03 19.69 -40.30
CA VAL D 140 -14.33 20.08 -39.75
C VAL D 140 -14.25 21.55 -39.35
N GLU D 141 -15.36 22.26 -39.60
CA GLU D 141 -15.53 23.64 -39.17
C GLU D 141 -16.89 23.78 -38.49
N VAL D 142 -16.97 24.75 -37.56
CA VAL D 142 -18.08 24.85 -36.63
C VAL D 142 -18.52 26.32 -36.60
N VAL D 143 -19.82 26.57 -36.80
CA VAL D 143 -20.33 27.92 -37.04
C VAL D 143 -21.51 28.24 -36.12
N GLN D 144 -21.58 29.52 -35.73
CA GLN D 144 -22.65 30.07 -34.92
C GLN D 144 -23.89 30.31 -35.79
N LEU D 145 -25.05 29.84 -35.32
CA LEU D 145 -26.30 29.93 -36.06
C LEU D 145 -27.26 30.94 -35.42
N LYS D 146 -26.96 31.37 -34.20
CA LYS D 146 -27.89 32.16 -33.41
C LYS D 146 -27.25 33.51 -33.06
N GLY D 147 -28.07 34.57 -33.07
CA GLY D 147 -27.63 35.89 -32.65
C GLY D 147 -27.28 35.94 -31.17
N GLY D 148 -26.52 36.97 -30.76
CA GLY D 148 -26.08 37.10 -29.38
C GLY D 148 -26.73 38.26 -28.64
N ILE D 149 -26.21 38.54 -27.44
CA ILE D 149 -26.79 39.49 -26.50
C ILE D 149 -25.75 40.57 -26.18
N SER D 150 -26.20 41.63 -25.50
CA SER D 150 -25.31 42.64 -24.97
C SER D 150 -24.97 42.34 -23.50
N HIS D 151 -26.01 42.03 -22.71
CA HIS D 151 -25.87 41.85 -21.28
C HIS D 151 -26.98 40.94 -20.74
N SER D 152 -26.63 40.03 -19.84
CA SER D 152 -27.57 39.16 -19.14
C SER D 152 -27.00 38.75 -17.79
N ARG D 153 -27.88 38.47 -16.82
CA ARG D 153 -27.47 38.19 -15.44
C ARG D 153 -27.00 36.75 -15.27
N VAL D 154 -27.59 35.82 -16.04
CA VAL D 154 -26.97 34.52 -16.19
C VAL D 154 -26.13 34.53 -17.46
N ASN D 155 -24.98 33.88 -17.35
CA ASN D 155 -24.10 33.59 -18.45
C ASN D 155 -24.85 32.79 -19.51
N THR D 156 -24.74 33.24 -20.77
CA THR D 156 -25.34 32.59 -21.92
C THR D 156 -24.57 31.31 -22.25
N TYR D 157 -23.30 31.28 -21.84
CA TYR D 157 -22.35 30.24 -22.14
C TYR D 157 -22.20 30.08 -23.64
N SER D 158 -22.59 31.12 -24.38
CA SER D 158 -22.59 31.12 -25.83
C SER D 158 -21.19 30.83 -26.35
N ALA D 159 -20.23 31.58 -25.82
CA ALA D 159 -18.84 31.50 -26.24
C ALA D 159 -18.34 30.08 -26.04
N GLU D 160 -18.43 29.61 -24.79
CA GLU D 160 -17.86 28.35 -24.37
C GLU D 160 -18.52 27.21 -25.15
N THR D 161 -19.81 27.38 -25.42
CA THR D 161 -20.60 26.35 -26.09
C THR D 161 -19.94 26.04 -27.43
N ILE D 162 -19.83 27.05 -28.28
CA ILE D 162 -19.33 26.84 -29.61
C ILE D 162 -17.84 26.49 -29.54
N GLN D 163 -17.14 27.03 -28.53
CA GLN D 163 -15.72 26.76 -28.35
C GLN D 163 -15.51 25.28 -28.06
N LEU D 164 -16.32 24.72 -27.16
CA LEU D 164 -16.13 23.34 -26.77
C LEU D 164 -16.35 22.44 -27.99
N PHE D 165 -17.34 22.80 -28.81
CA PHE D 165 -17.69 22.06 -30.02
C PHE D 165 -16.48 22.07 -30.97
N ALA D 166 -15.92 23.26 -31.16
CA ALA D 166 -14.74 23.48 -31.99
C ALA D 166 -13.59 22.60 -31.51
N GLU D 167 -13.22 22.75 -30.24
CA GLU D 167 -12.07 22.08 -29.67
C GLU D 167 -12.20 20.57 -29.91
N ALA D 168 -13.40 20.05 -29.65
CA ALA D 168 -13.66 18.62 -29.66
C ALA D 168 -13.51 18.08 -31.08
N PHE D 169 -13.62 18.96 -32.07
CA PHE D 169 -13.62 18.53 -33.47
C PHE D 169 -12.36 18.99 -34.19
N GLN D 170 -11.29 19.23 -33.43
CA GLN D 170 -10.04 19.70 -34.00
C GLN D 170 -10.33 20.74 -35.08
N THR D 171 -11.06 21.79 -34.67
CA THR D 171 -11.17 23.03 -35.40
C THR D 171 -11.29 24.18 -34.40
N MET D 172 -11.60 25.37 -34.90
CA MET D 172 -11.83 26.54 -34.05
C MET D 172 -13.14 27.21 -34.49
N PRO D 173 -13.71 28.11 -33.65
CA PRO D 173 -15.05 28.64 -33.85
C PRO D 173 -15.14 29.74 -34.90
N ARG D 174 -16.21 29.69 -35.69
CA ARG D 174 -16.64 30.84 -36.49
C ARG D 174 -17.79 31.50 -35.76
N TYR D 175 -17.51 32.62 -35.10
CA TYR D 175 -18.53 33.37 -34.40
C TYR D 175 -19.38 34.16 -35.40
N LEU D 176 -20.60 34.45 -34.97
CA LEU D 176 -21.39 35.49 -35.60
C LEU D 176 -21.38 36.69 -34.67
N PRO D 177 -20.58 37.72 -35.00
CA PRO D 177 -20.34 38.83 -34.09
C PRO D 177 -21.42 39.91 -34.22
N LEU D 178 -22.69 39.51 -34.04
CA LEU D 178 -23.82 40.39 -34.30
C LEU D 178 -24.83 40.28 -33.17
N PRO D 179 -25.65 41.34 -32.91
CA PRO D 179 -26.77 41.22 -31.97
C PRO D 179 -27.90 40.45 -32.65
N VAL D 180 -28.77 39.85 -31.83
CA VAL D 180 -29.80 38.97 -32.32
C VAL D 180 -30.82 39.78 -33.11
N VAL D 181 -30.98 41.05 -32.74
CA VAL D 181 -32.00 41.90 -33.32
C VAL D 181 -31.44 43.30 -33.58
N PHE D 182 -31.81 43.84 -34.75
CA PHE D 182 -31.57 45.23 -35.07
C PHE D 182 -32.86 46.03 -34.94
N ASP D 183 -32.71 47.28 -34.50
CA ASP D 183 -33.85 48.16 -34.28
C ASP D 183 -34.62 48.31 -35.58
N ASN D 184 -33.89 48.35 -36.69
CA ASN D 184 -34.54 48.58 -37.98
C ASN D 184 -34.11 47.50 -38.98
N ALA D 185 -35.07 47.14 -39.86
CA ALA D 185 -34.92 46.05 -40.81
C ALA D 185 -33.86 46.39 -41.86
N ASP D 186 -33.80 47.66 -42.28
CA ASP D 186 -32.84 48.10 -43.27
C ASP D 186 -31.43 47.89 -42.73
N VAL D 187 -31.24 48.27 -41.47
CA VAL D 187 -29.96 48.10 -40.78
C VAL D 187 -29.54 46.64 -40.94
N LYS D 188 -30.45 45.73 -40.58
CA LYS D 188 -30.24 44.30 -40.57
C LYS D 188 -29.77 43.83 -41.96
N ARG D 189 -30.44 44.32 -43.01
CA ARG D 189 -30.23 43.83 -44.36
C ARG D 189 -28.80 44.09 -44.81
N MET D 190 -28.31 45.32 -44.60
CA MET D 190 -27.06 45.73 -45.21
C MET D 190 -25.88 45.24 -44.37
N VAL D 191 -26.16 44.86 -43.13
CA VAL D 191 -25.17 44.24 -42.26
C VAL D 191 -24.89 42.83 -42.79
N GLU D 192 -25.97 42.11 -43.14
CA GLU D 192 -25.89 40.73 -43.61
C GLU D 192 -25.12 40.69 -44.92
N LYS D 193 -25.09 41.83 -45.61
CA LYS D 193 -24.50 41.89 -46.94
C LYS D 193 -23.01 42.23 -46.83
N ASP D 194 -22.57 42.74 -45.67
CA ASP D 194 -21.17 43.02 -45.44
C ASP D 194 -20.34 41.76 -45.71
N ARG D 195 -19.23 41.93 -46.42
CA ARG D 195 -18.55 40.82 -47.06
C ARG D 195 -18.05 39.83 -46.00
N HIS D 196 -17.70 40.33 -44.82
CA HIS D 196 -17.19 39.48 -43.74
C HIS D 196 -18.33 38.69 -43.11
N ILE D 197 -19.38 39.40 -42.70
CA ILE D 197 -20.57 38.84 -42.07
C ILE D 197 -21.18 37.80 -43.01
N GLU D 198 -21.20 38.12 -44.30
CA GLU D 198 -21.88 37.31 -45.30
C GLU D 198 -21.27 35.91 -45.36
N ARG D 199 -19.94 35.82 -45.22
CA ARG D 199 -19.26 34.54 -45.22
C ARG D 199 -19.79 33.65 -44.09
N ILE D 200 -20.10 34.28 -42.95
CA ILE D 200 -20.51 33.54 -41.77
C ILE D 200 -21.91 32.97 -41.96
N ILE D 201 -22.85 33.78 -42.49
CA ILE D 201 -24.22 33.32 -42.65
C ILE D 201 -24.26 32.23 -43.72
N GLU D 202 -23.44 32.44 -44.77
CA GLU D 202 -23.32 31.53 -45.89
C GLU D 202 -22.83 30.17 -45.40
N MET D 203 -21.82 30.17 -44.52
CA MET D 203 -21.33 28.94 -43.92
C MET D 203 -22.42 28.32 -43.06
N GLY D 204 -23.23 29.20 -42.45
CA GLY D 204 -24.44 28.79 -41.75
C GLY D 204 -25.34 27.96 -42.65
N LYS D 205 -25.49 28.41 -43.90
CA LYS D 205 -26.36 27.75 -44.84
C LYS D 205 -25.65 26.54 -45.46
N GLN D 206 -24.30 26.55 -45.43
CA GLN D 206 -23.51 25.47 -46.00
C GLN D 206 -23.56 24.26 -45.08
N ALA D 207 -23.70 24.53 -43.78
CA ALA D 207 -23.69 23.50 -42.77
C ALA D 207 -24.57 22.34 -43.20
N ASN D 208 -24.02 21.12 -43.12
CA ASN D 208 -24.77 19.91 -43.43
C ASN D 208 -25.27 19.29 -42.14
N ILE D 209 -24.70 19.71 -41.00
CA ILE D 209 -25.18 19.33 -39.67
C ILE D 209 -25.60 20.59 -38.93
N ALA D 210 -26.76 20.51 -38.25
CA ALA D 210 -27.26 21.60 -37.44
C ALA D 210 -27.86 21.06 -36.14
N LEU D 211 -27.51 21.72 -35.02
CA LEU D 211 -27.93 21.31 -33.70
C LEU D 211 -28.54 22.50 -32.96
N PHE D 212 -29.77 22.33 -32.47
CA PHE D 212 -30.50 23.43 -31.85
C PHE D 212 -31.57 22.88 -30.89
N THR D 213 -32.00 23.74 -29.98
CA THR D 213 -33.07 23.42 -29.04
C THR D 213 -34.28 24.30 -29.36
N VAL D 214 -35.40 24.04 -28.68
CA VAL D 214 -36.62 24.82 -28.88
C VAL D 214 -36.76 25.84 -27.75
N GLY D 215 -36.92 27.11 -28.12
CA GLY D 215 -37.00 28.19 -27.14
C GLY D 215 -38.33 28.17 -26.37
N THR D 216 -38.26 28.41 -25.05
CA THR D 216 -39.45 28.51 -24.21
C THR D 216 -40.00 29.92 -24.28
N VAL D 217 -40.88 30.27 -23.33
CA VAL D 217 -41.40 31.63 -23.21
C VAL D 217 -40.55 32.42 -22.22
N ARG D 218 -39.78 31.72 -21.37
CA ARG D 218 -38.87 32.34 -20.44
C ARG D 218 -37.62 32.78 -21.18
N ASP D 219 -37.20 31.94 -22.14
CA ASP D 219 -36.07 32.25 -23.01
C ASP D 219 -36.33 33.55 -23.78
N GLU D 220 -37.53 33.63 -24.36
CA GLU D 220 -38.00 34.77 -25.13
C GLU D 220 -38.26 36.01 -24.27
N ALA D 221 -38.60 35.84 -22.99
CA ALA D 221 -38.84 36.97 -22.09
C ALA D 221 -37.54 37.68 -21.71
N LEU D 222 -36.43 36.94 -21.72
CA LEU D 222 -35.11 37.52 -21.49
C LEU D 222 -34.74 38.47 -22.62
N LEU D 223 -35.09 38.10 -23.87
CA LEU D 223 -34.93 38.97 -25.02
C LEU D 223 -35.85 40.18 -24.89
N PHE D 224 -37.07 39.95 -24.38
CA PHE D 224 -38.08 40.99 -24.23
C PHE D 224 -37.62 42.05 -23.23
N ARG D 225 -36.68 41.69 -22.34
CA ARG D 225 -36.22 42.62 -21.33
C ARG D 225 -35.41 43.76 -21.96
N LEU D 226 -34.58 43.44 -22.95
CA LEU D 226 -34.00 44.48 -23.79
C LEU D 226 -35.14 45.11 -24.58
N GLY D 227 -35.04 46.42 -24.85
CA GLY D 227 -36.12 47.14 -25.51
C GLY D 227 -36.68 46.38 -26.71
N TYR D 228 -35.80 46.09 -27.68
CA TYR D 228 -36.12 45.23 -28.82
C TYR D 228 -37.55 45.49 -29.30
N PHE D 229 -38.39 44.46 -29.19
CA PHE D 229 -39.78 44.52 -29.62
C PHE D 229 -40.64 45.35 -28.65
N ASN D 230 -41.48 46.24 -29.19
CA ASN D 230 -42.38 47.02 -28.33
C ASN D 230 -43.32 46.05 -27.63
N GLU D 231 -43.86 46.47 -26.48
CA GLU D 231 -44.69 45.62 -25.63
C GLU D 231 -45.94 45.16 -26.38
N GLU D 232 -46.55 46.08 -27.14
CA GLU D 232 -47.66 45.74 -28.02
C GLU D 232 -47.19 44.69 -29.02
N GLU D 233 -45.99 44.90 -29.56
CA GLU D 233 -45.33 43.92 -30.41
C GLU D 233 -45.20 42.60 -29.64
N LYS D 234 -44.78 42.72 -28.37
CA LYS D 234 -44.49 41.62 -27.46
C LYS D 234 -45.73 40.76 -27.20
N ALA D 235 -46.87 41.41 -26.91
CA ALA D 235 -48.09 40.70 -26.55
C ALA D 235 -48.56 39.79 -27.69
N LEU D 236 -48.48 40.32 -28.93
CA LEU D 236 -48.93 39.61 -30.12
C LEU D 236 -48.05 38.37 -30.34
N LEU D 237 -46.73 38.54 -30.14
CA LEU D 237 -45.74 37.51 -30.43
C LEU D 237 -45.88 36.31 -29.50
N LYS D 238 -46.16 36.56 -28.21
CA LYS D 238 -46.45 35.48 -27.28
C LYS D 238 -47.76 34.84 -27.73
N LYS D 239 -48.71 35.71 -28.11
CA LYS D 239 -50.06 35.31 -28.44
C LYS D 239 -50.08 34.25 -29.54
N GLN D 240 -49.36 34.50 -30.63
CA GLN D 240 -49.44 33.69 -31.83
C GLN D 240 -48.22 32.78 -32.02
N ALA D 241 -47.45 32.53 -30.95
CA ALA D 241 -46.19 31.81 -31.13
C ALA D 241 -46.01 30.73 -30.07
N VAL D 242 -45.95 29.46 -30.51
CA VAL D 242 -45.70 28.37 -29.57
C VAL D 242 -44.30 28.52 -28.99
N GLY D 243 -43.35 28.97 -29.81
CA GLY D 243 -41.94 28.97 -29.43
C GLY D 243 -41.03 29.44 -30.56
N ASP D 244 -39.71 29.32 -30.38
CA ASP D 244 -38.77 29.87 -31.35
C ASP D 244 -37.46 29.09 -31.36
N ILE D 245 -36.80 29.07 -32.53
CA ILE D 245 -35.50 28.43 -32.74
C ILE D 245 -34.52 29.51 -33.22
N CYS D 246 -33.32 29.53 -32.63
CA CYS D 246 -32.32 30.53 -32.96
C CYS D 246 -32.94 31.93 -32.93
N SER D 247 -34.03 32.05 -32.16
CA SER D 247 -34.71 33.30 -31.89
C SER D 247 -35.57 33.76 -33.07
N ARG D 248 -35.84 32.85 -34.00
CA ARG D 248 -36.93 33.06 -34.95
C ARG D 248 -38.19 32.38 -34.41
N PHE D 249 -39.29 33.14 -34.39
CA PHE D 249 -40.51 32.68 -33.74
C PHE D 249 -41.44 31.97 -34.72
N PHE D 250 -42.18 30.99 -34.20
CA PHE D 250 -43.13 30.21 -35.00
C PHE D 250 -44.43 29.96 -34.24
N ASP D 251 -45.51 29.84 -35.02
CA ASP D 251 -46.85 29.48 -34.54
C ASP D 251 -46.97 27.96 -34.41
N ALA D 252 -48.15 27.49 -34.04
CA ALA D 252 -48.32 26.08 -33.75
C ALA D 252 -48.20 25.24 -35.03
N LYS D 253 -48.19 25.91 -36.19
CA LYS D 253 -48.12 25.20 -37.46
C LYS D 253 -46.72 25.31 -38.07
N GLY D 254 -45.81 25.98 -37.35
CA GLY D 254 -44.42 26.04 -37.74
C GLY D 254 -44.11 27.26 -38.62
N ASN D 255 -45.06 28.17 -38.71
CA ASN D 255 -44.89 29.33 -39.58
C ASN D 255 -44.36 30.51 -38.77
N ILE D 256 -43.60 31.36 -39.45
CA ILE D 256 -43.03 32.58 -38.90
C ILE D 256 -44.18 33.43 -38.37
N CYS D 257 -44.07 33.85 -37.09
CA CYS D 257 -45.17 34.46 -36.36
C CYS D 257 -45.36 35.93 -36.74
N SER D 258 -44.25 36.64 -36.97
CA SER D 258 -44.31 38.01 -37.46
C SER D 258 -43.26 38.22 -38.53
N SER D 259 -43.70 38.33 -39.78
CA SER D 259 -42.78 38.61 -40.88
C SER D 259 -41.96 39.86 -40.55
N ALA D 260 -42.66 40.89 -40.06
CA ALA D 260 -42.15 42.18 -39.59
C ALA D 260 -40.88 42.08 -38.75
N ILE D 261 -40.95 41.37 -37.60
CA ILE D 261 -39.87 41.33 -36.63
C ILE D 261 -38.78 40.34 -37.07
N ASN D 262 -39.19 39.23 -37.69
CA ASN D 262 -38.25 38.21 -38.12
C ASN D 262 -37.29 38.81 -39.15
N ASP D 263 -37.76 39.88 -39.81
CA ASP D 263 -37.01 40.48 -40.90
C ASP D 263 -35.91 41.41 -40.38
N ARG D 264 -35.86 41.62 -39.05
CA ARG D 264 -34.82 42.39 -38.40
C ARG D 264 -34.17 41.54 -37.30
N THR D 265 -34.25 40.22 -37.47
CA THR D 265 -33.70 39.25 -36.55
C THR D 265 -32.55 38.52 -37.24
N ILE D 266 -31.45 38.38 -36.48
CA ILE D 266 -30.19 37.83 -36.97
C ILE D 266 -30.12 36.35 -36.60
N GLY D 267 -29.50 35.57 -37.48
CA GLY D 267 -29.42 34.14 -37.29
C GLY D 267 -29.64 33.44 -38.64
N VAL D 268 -29.28 32.16 -38.72
CA VAL D 268 -29.54 31.41 -39.93
C VAL D 268 -31.05 31.33 -40.10
N GLU D 269 -31.48 31.24 -41.37
CA GLU D 269 -32.88 31.27 -41.73
C GLU D 269 -33.49 29.90 -41.46
N LEU D 270 -34.74 29.90 -40.97
CA LEU D 270 -35.37 28.69 -40.48
C LEU D 270 -35.57 27.69 -41.62
N GLN D 271 -35.98 28.21 -42.79
CA GLN D 271 -36.31 27.35 -43.93
C GLN D 271 -35.08 26.57 -44.36
N ASP D 272 -33.89 27.15 -44.08
CA ASP D 272 -32.60 26.59 -44.46
C ASP D 272 -32.40 25.27 -43.73
N LEU D 273 -33.01 25.16 -42.55
CA LEU D 273 -32.80 24.02 -41.67
C LEU D 273 -33.33 22.75 -42.34
N ARG D 274 -34.40 22.89 -43.12
CA ARG D 274 -35.06 21.76 -43.74
C ARG D 274 -34.19 21.15 -44.83
N LEU D 275 -33.20 21.92 -45.30
CA LEU D 275 -32.42 21.56 -46.47
C LEU D 275 -31.27 20.65 -46.04
N LYS D 276 -30.93 20.73 -44.74
CA LYS D 276 -29.64 20.29 -44.26
C LYS D 276 -29.61 18.78 -44.10
N GLU D 277 -28.41 18.22 -44.31
CA GLU D 277 -28.18 16.78 -44.32
C GLU D 277 -28.70 16.14 -43.04
N ARG D 278 -28.33 16.72 -41.89
CA ARG D 278 -28.96 16.40 -40.61
C ARG D 278 -29.27 17.68 -39.84
N SER D 279 -30.56 17.90 -39.59
CA SER D 279 -31.03 18.97 -38.73
C SER D 279 -31.54 18.37 -37.43
N ILE D 280 -30.78 18.61 -36.34
CA ILE D 280 -30.91 17.86 -35.10
C ILE D 280 -31.53 18.77 -34.03
N LEU D 281 -32.79 18.45 -33.67
CA LEU D 281 -33.43 19.11 -32.55
C LEU D 281 -33.33 18.24 -31.30
N VAL D 282 -32.70 18.83 -30.28
CA VAL D 282 -32.86 18.33 -28.92
C VAL D 282 -33.73 19.31 -28.15
N ALA D 283 -34.89 18.79 -27.75
CA ALA D 283 -35.68 19.39 -26.69
C ALA D 283 -36.50 18.30 -26.01
N GLY D 284 -37.00 18.65 -24.83
CA GLY D 284 -37.88 17.82 -24.05
C GLY D 284 -38.32 18.61 -22.83
N GLY D 285 -39.18 18.03 -22.01
CA GLY D 285 -39.55 18.66 -20.77
C GLY D 285 -41.01 19.08 -20.79
N SER D 286 -41.73 18.72 -19.73
CA SER D 286 -43.15 18.63 -19.97
C SER D 286 -43.82 20.01 -20.03
N ARG D 287 -43.09 21.08 -19.69
CA ARG D 287 -43.62 22.43 -19.89
C ARG D 287 -43.25 23.00 -21.26
N LYS D 288 -42.76 22.16 -22.19
CA LYS D 288 -42.17 22.68 -23.42
C LYS D 288 -42.92 22.16 -24.64
N VAL D 289 -44.03 21.44 -24.42
CA VAL D 289 -44.47 20.48 -25.43
C VAL D 289 -45.00 21.19 -26.67
N SER D 290 -45.67 22.33 -26.48
CA SER D 290 -46.31 23.08 -27.55
C SER D 290 -45.26 23.54 -28.57
N SER D 291 -44.15 24.04 -28.02
CA SER D 291 -43.02 24.49 -28.82
C SER D 291 -42.62 23.37 -29.76
N ILE D 292 -42.46 22.17 -29.19
CA ILE D 292 -41.88 21.03 -29.89
C ILE D 292 -42.81 20.61 -31.02
N HIS D 293 -44.11 20.63 -30.73
CA HIS D 293 -45.10 20.30 -31.74
C HIS D 293 -45.00 21.30 -32.90
N GLY D 294 -44.96 22.59 -32.57
CA GLY D 294 -44.82 23.61 -33.58
C GLY D 294 -43.64 23.33 -34.50
N ALA D 295 -42.52 22.95 -33.88
CA ALA D 295 -41.24 22.85 -34.56
C ALA D 295 -41.24 21.64 -35.50
N LEU D 296 -41.88 20.56 -35.07
CA LEU D 296 -41.89 19.33 -35.85
C LEU D 296 -42.85 19.48 -37.02
N THR D 297 -43.89 20.30 -36.78
CA THR D 297 -44.92 20.62 -37.76
C THR D 297 -44.30 21.49 -38.86
N GLY D 298 -43.43 22.41 -38.47
CA GLY D 298 -42.61 23.15 -39.42
C GLY D 298 -41.61 22.23 -40.12
N LYS D 299 -41.46 21.01 -39.60
CA LYS D 299 -40.57 19.98 -40.13
C LYS D 299 -39.16 20.54 -40.29
N TYR D 300 -38.70 21.24 -39.24
CA TYR D 300 -37.43 21.94 -39.26
C TYR D 300 -36.32 20.97 -38.90
N ALA D 301 -36.71 19.88 -38.24
CA ALA D 301 -35.75 18.85 -37.91
C ALA D 301 -36.07 17.59 -38.73
N ASN D 302 -35.02 16.80 -38.97
CA ASN D 302 -35.18 15.47 -39.54
C ASN D 302 -34.59 14.45 -38.58
N VAL D 303 -33.92 14.94 -37.51
CA VAL D 303 -33.55 14.12 -36.38
C VAL D 303 -34.07 14.77 -35.11
N LEU D 304 -34.75 13.98 -34.26
CA LEU D 304 -35.27 14.45 -33.00
C LEU D 304 -34.71 13.60 -31.85
N ILE D 305 -34.20 14.32 -30.84
CA ILE D 305 -33.79 13.72 -29.59
C ILE D 305 -34.68 14.28 -28.47
N ILE D 306 -35.44 13.37 -27.85
CA ILE D 306 -36.51 13.70 -26.92
C ILE D 306 -36.67 12.57 -25.90
N ASP D 307 -37.18 12.93 -24.72
CA ASP D 307 -37.39 11.99 -23.63
C ASP D 307 -38.74 11.31 -23.81
N GLN D 308 -39.06 10.38 -22.90
CA GLN D 308 -40.25 9.56 -23.04
C GLN D 308 -41.45 10.27 -22.43
N HIS D 309 -41.22 11.22 -21.50
CA HIS D 309 -42.31 11.98 -20.92
C HIS D 309 -42.91 12.87 -21.99
N THR D 310 -42.05 13.62 -22.67
CA THR D 310 -42.44 14.53 -23.73
C THR D 310 -42.89 13.75 -24.98
N ALA D 311 -42.25 12.61 -25.25
CA ALA D 311 -42.51 11.82 -26.45
C ALA D 311 -43.90 11.20 -26.44
N ARG D 312 -44.34 10.75 -25.26
CA ARG D 312 -45.67 10.18 -25.06
C ARG D 312 -46.73 11.28 -25.14
N ALA D 313 -46.41 12.47 -24.61
CA ALA D 313 -47.33 13.60 -24.65
C ALA D 313 -47.60 13.98 -26.10
N LEU D 314 -46.63 13.70 -26.97
CA LEU D 314 -46.73 14.09 -28.37
C LEU D 314 -47.64 13.14 -29.14
N VAL D 315 -47.55 11.85 -28.84
CA VAL D 315 -48.35 10.87 -29.56
C VAL D 315 -49.83 10.96 -29.16
N ASN D 316 -50.11 11.57 -27.99
CA ASN D 316 -51.47 11.83 -27.54
C ASN D 316 -52.06 13.04 -28.28
N ASP D 317 -52.06 12.95 -29.62
CA ASP D 317 -52.88 13.78 -30.49
C ASP D 317 -53.59 12.88 -31.51
#